data_4W4T
#
_entry.id   4W4T
#
_cell.length_a   50.838
_cell.length_b   159.304
_cell.length_c   54.897
_cell.angle_alpha   90.00
_cell.angle_beta   108.88
_cell.angle_gamma   90.00
#
_symmetry.space_group_name_H-M   'P 1 21 1'
#
loop_
_entity.id
_entity.type
_entity.pdbx_description
1 polymer MxaA
2 non-polymer 'ACETATE ION'
3 water water
#
_entity_poly.entity_id   1
_entity_poly.type   'polypeptide(L)'
_entity_poly.pdbx_seq_one_letter_code
;(MSE)GSSHHHHHHSSGLVPRGSH(MSE)SLPAHDVTVE(MSE)EADAVLDAEIALGKALPPVTGALRTILLTGATGFLG
AFLLEELCRRTDARIYCLVRSKTEQEG(MSE)NRIRKNLESYSLWNEALAPRIVPVRGDIGQPLLGLSEKEFQRLSEEID
AIYHNGALVNFLYPYES(MSE)RAANVLGTREILRLATRTRIKPLHYVSTVSVLPLGRKAPIREDEPLEGPSSLVGGYAQ
SKWVAEKLVREASRRGLPVTILRPGRVTGHSRTGAWNTDDLVCRTLKGCVR(MSE)GVAPSVDALLDLTPVDYVSSAIVD
LS(MSE)RPESIGQTYHLVNPQFVRADE(MSE)WNY(MSE)RAFGYGLRVLPYDQWLSELGSAASSDSELGDLL(MSE)F
LQQVPPEDRSVGGPR(MSE)VVCDSGDTLKALGGTGTSCPSVDASLISTYLSSLVHRGFLKAPE
;
_entity_poly.pdbx_strand_id   A,B
#
loop_
_chem_comp.id
_chem_comp.type
_chem_comp.name
_chem_comp.formula
ACT non-polymer 'ACETATE ION' 'C2 H3 O2 -1'
#
# COMPACT_ATOMS: atom_id res chain seq x y z
N ASP A 27 -12.58 21.05 3.18
CA ASP A 27 -11.74 19.90 3.50
C ASP A 27 -12.59 18.73 3.97
N VAL A 28 -11.94 17.66 4.44
CA VAL A 28 -12.65 16.43 4.77
C VAL A 28 -13.58 16.66 5.96
N THR A 29 -13.23 17.58 6.85
CA THR A 29 -14.04 17.80 8.05
C THR A 29 -15.37 18.44 7.67
N VAL A 30 -15.38 19.25 6.62
CA VAL A 30 -16.64 19.84 6.15
C VAL A 30 -17.59 18.75 5.68
N GLU A 31 -17.09 17.85 4.85
CA GLU A 31 -17.86 16.70 4.38
C GLU A 31 -18.35 15.82 5.53
N MSE A 32 -17.48 15.58 6.52
CA MSE A 32 -17.85 14.76 7.68
C MSE A 32 -19.02 15.37 8.43
O MSE A 32 -19.99 14.68 8.77
CB MSE A 32 -16.66 14.61 8.62
CG MSE A 32 -15.54 13.77 8.04
SE MSE A 32 -13.91 13.90 9.13
CE MSE A 32 -14.55 13.03 10.77
N GLU A 33 -18.94 16.67 8.68
CA GLU A 33 -20.03 17.38 9.33
C GLU A 33 -21.31 17.32 8.52
N ALA A 34 -21.19 17.50 7.21
CA ALA A 34 -22.35 17.40 6.32
C ALA A 34 -22.96 16.00 6.41
N ASP A 35 -22.10 14.98 6.35
CA ASP A 35 -22.54 13.59 6.35
C ASP A 35 -23.14 13.14 7.71
N ALA A 36 -22.77 13.85 8.78
CA ALA A 36 -23.27 13.53 10.12
C ALA A 36 -24.70 14.04 10.34
N VAL A 37 -25.25 14.77 9.37
CA VAL A 37 -26.64 15.23 9.48
C VAL A 37 -27.57 14.11 9.04
N LEU A 38 -28.45 13.69 9.94
CA LEU A 38 -29.35 12.57 9.67
C LEU A 38 -30.62 13.05 8.95
N ASP A 39 -30.91 12.45 7.79
CA ASP A 39 -32.09 12.78 6.98
C ASP A 39 -33.32 12.91 7.86
N ALA A 40 -34.11 13.95 7.60
CA ALA A 40 -35.25 14.29 8.45
C ALA A 40 -36.28 13.16 8.57
N GLU A 41 -36.42 12.37 7.52
CA GLU A 41 -37.45 11.33 7.52
C GLU A 41 -37.05 10.12 8.35
N ILE A 42 -35.77 9.99 8.66
CA ILE A 42 -35.35 8.91 9.54
C ILE A 42 -35.66 9.32 10.97
N ALA A 43 -36.90 9.03 11.36
CA ALA A 43 -37.44 9.43 12.66
C ALA A 43 -38.57 8.47 13.01
N LEU A 44 -39.09 8.56 14.23
CA LEU A 44 -40.09 7.61 14.67
C LEU A 44 -41.35 7.74 13.81
N GLY A 45 -41.72 8.99 13.51
CA GLY A 45 -42.91 9.24 12.71
C GLY A 45 -44.11 8.47 13.23
N LYS A 46 -44.73 7.69 12.35
CA LYS A 46 -45.91 6.90 12.66
C LYS A 46 -45.58 5.43 12.84
N ALA A 47 -44.31 5.08 12.89
CA ALA A 47 -43.93 3.68 12.97
C ALA A 47 -44.49 3.03 14.23
N LEU A 48 -44.78 1.73 14.15
CA LEU A 48 -45.32 0.98 15.28
C LEU A 48 -44.28 0.87 16.37
N PRO A 49 -44.72 0.72 17.64
CA PRO A 49 -43.77 0.67 18.76
C PRO A 49 -42.88 -0.57 18.73
N PRO A 50 -41.73 -0.49 19.42
CA PRO A 50 -40.83 -1.64 19.40
C PRO A 50 -41.44 -2.82 20.11
N VAL A 51 -40.94 -4.02 19.85
CA VAL A 51 -41.38 -5.19 20.61
C VAL A 51 -41.09 -4.97 22.09
N THR A 52 -42.06 -5.25 22.95
CA THR A 52 -41.83 -5.18 24.40
C THR A 52 -41.86 -6.58 24.97
N GLY A 53 -42.32 -7.52 24.15
CA GLY A 53 -42.23 -8.92 24.49
C GLY A 53 -40.93 -9.55 24.03
N ALA A 54 -40.93 -10.87 23.96
CA ALA A 54 -39.78 -11.65 23.51
C ALA A 54 -39.38 -11.30 22.07
N LEU A 55 -38.08 -11.19 21.81
CA LEU A 55 -37.56 -10.93 20.47
C LEU A 55 -37.68 -12.17 19.60
N ARG A 56 -38.37 -12.04 18.47
CA ARG A 56 -38.59 -13.15 17.57
C ARG A 56 -37.48 -13.23 16.52
N THR A 57 -36.99 -12.08 16.10
CA THR A 57 -36.04 -12.00 14.99
C THR A 57 -35.00 -10.91 15.20
N ILE A 58 -33.82 -11.16 14.66
CA ILE A 58 -32.71 -10.22 14.79
C ILE A 58 -31.97 -10.09 13.46
N LEU A 59 -31.66 -8.86 13.06
CA LEU A 59 -30.80 -8.67 11.92
C LEU A 59 -29.35 -8.40 12.35
N LEU A 60 -28.45 -9.23 11.86
CA LEU A 60 -27.01 -9.04 12.13
C LEU A 60 -26.29 -8.61 10.86
N THR A 61 -25.56 -7.51 10.93
CA THR A 61 -24.65 -7.18 9.85
C THR A 61 -23.24 -7.57 10.29
N GLY A 62 -22.45 -8.06 9.34
CA GLY A 62 -21.05 -8.33 9.58
C GLY A 62 -20.77 -9.77 9.96
N ALA A 63 -21.71 -10.67 9.68
CA ALA A 63 -21.54 -12.08 10.01
C ALA A 63 -20.34 -12.74 9.32
N THR A 64 -19.81 -12.13 8.27
CA THR A 64 -18.68 -12.73 7.56
C THR A 64 -17.33 -12.20 8.02
N GLY A 65 -17.33 -11.35 9.05
CA GLY A 65 -16.08 -10.81 9.59
C GLY A 65 -15.66 -11.53 10.86
N PHE A 66 -14.63 -11.01 11.54
CA PHE A 66 -14.05 -11.70 12.69
C PHE A 66 -14.94 -11.57 13.93
N LEU A 67 -15.14 -10.35 14.43
CA LEU A 67 -16.08 -10.14 15.53
C LEU A 67 -17.47 -10.70 15.20
N GLY A 68 -17.91 -10.49 13.96
CA GLY A 68 -19.23 -10.94 13.54
C GLY A 68 -19.48 -12.43 13.72
N ALA A 69 -18.46 -13.25 13.46
CA ALA A 69 -18.58 -14.69 13.65
C ALA A 69 -18.93 -15.04 15.10
N PHE A 70 -18.22 -14.41 16.04
CA PHE A 70 -18.42 -14.70 17.45
C PHE A 70 -19.74 -14.13 17.93
N LEU A 71 -20.07 -12.93 17.45
CA LEU A 71 -21.36 -12.33 17.74
C LEU A 71 -22.49 -13.24 17.25
N LEU A 72 -22.35 -13.80 16.06
CA LEU A 72 -23.41 -14.67 15.55
C LEU A 72 -23.56 -15.91 16.43
N GLU A 73 -22.43 -16.55 16.74
CA GLU A 73 -22.48 -17.78 17.51
C GLU A 73 -23.02 -17.48 18.92
N GLU A 74 -22.63 -16.34 19.47
CA GLU A 74 -23.13 -15.95 20.78
C GLU A 74 -24.63 -15.62 20.77
N LEU A 75 -25.12 -14.99 19.71
CA LEU A 75 -26.54 -14.66 19.63
C LEU A 75 -27.41 -15.93 19.54
N CYS A 76 -26.92 -16.95 18.83
CA CYS A 76 -27.65 -18.22 18.77
C CYS A 76 -27.74 -18.87 20.16
N ARG A 77 -26.68 -18.75 20.96
CA ARG A 77 -26.67 -19.38 22.27
C ARG A 77 -27.54 -18.66 23.29
N ARG A 78 -27.58 -17.33 23.22
CA ARG A 78 -28.25 -16.51 24.22
C ARG A 78 -29.62 -16.02 23.91
N THR A 79 -30.06 -16.27 22.72
CA THR A 79 -31.41 -15.92 22.32
C THR A 79 -32.05 -17.12 21.64
N ASP A 80 -33.37 -17.11 21.51
CA ASP A 80 -34.02 -18.07 20.63
C ASP A 80 -34.64 -17.37 19.44
N ALA A 81 -34.05 -16.24 19.04
CA ALA A 81 -34.52 -15.50 17.87
C ALA A 81 -33.90 -16.09 16.60
N ARG A 82 -34.60 -15.97 15.48
CA ARG A 82 -33.99 -16.30 14.20
C ARG A 82 -33.04 -15.15 13.85
N ILE A 83 -31.83 -15.48 13.42
CA ILE A 83 -30.83 -14.46 13.16
C ILE A 83 -30.66 -14.23 11.67
N TYR A 84 -31.28 -13.16 11.17
CA TYR A 84 -31.10 -12.75 9.80
C TYR A 84 -29.71 -12.15 9.62
N CYS A 85 -28.96 -12.65 8.64
CA CYS A 85 -27.59 -12.19 8.41
C CYS A 85 -27.38 -11.59 7.03
N LEU A 86 -27.12 -10.29 6.98
CA LEU A 86 -26.87 -9.62 5.72
C LEU A 86 -25.56 -10.12 5.12
N VAL A 87 -25.60 -10.56 3.86
CA VAL A 87 -24.42 -11.13 3.23
C VAL A 87 -24.44 -10.93 1.72
N ARG A 88 -23.30 -10.51 1.16
CA ARG A 88 -23.13 -10.42 -0.29
C ARG A 88 -23.02 -11.80 -0.90
N SER A 89 -23.97 -12.17 -1.73
CA SER A 89 -23.95 -13.46 -2.42
C SER A 89 -25.04 -13.47 -3.50
N LYS A 90 -24.92 -14.38 -4.46
CA LYS A 90 -25.91 -14.48 -5.53
C LYS A 90 -27.18 -15.21 -5.08
N THR A 91 -27.07 -16.08 -4.08
CA THR A 91 -28.24 -16.77 -3.54
C THR A 91 -28.16 -16.87 -2.02
N GLU A 92 -29.30 -17.12 -1.40
CA GLU A 92 -29.36 -17.35 0.04
C GLU A 92 -28.49 -18.54 0.45
N GLN A 93 -28.47 -19.56 -0.40
CA GLN A 93 -27.72 -20.77 -0.11
C GLN A 93 -26.22 -20.50 -0.14
N GLU A 94 -25.78 -19.73 -1.14
CA GLU A 94 -24.38 -19.32 -1.19
C GLU A 94 -24.05 -18.38 -0.03
N GLY A 95 -25.02 -17.55 0.36
CA GLY A 95 -24.85 -16.70 1.53
C GLY A 95 -24.60 -17.55 2.77
N MSE A 96 -25.42 -18.57 2.97
CA MSE A 96 -25.26 -19.49 4.07
C MSE A 96 -23.93 -20.15 4.05
O MSE A 96 -23.32 -20.31 5.08
CB MSE A 96 -26.31 -20.58 4.04
CG MSE A 96 -26.24 -21.45 5.28
SE MSE A 96 -26.85 -20.59 6.90
CE MSE A 96 -27.82 -21.89 7.99
N ASN A 97 -23.45 -20.53 2.89
CA ASN A 97 -22.12 -21.12 2.80
C ASN A 97 -21.03 -20.19 3.30
N ARG A 98 -21.13 -18.92 2.92
CA ARG A 98 -20.16 -17.93 3.38
C ARG A 98 -20.21 -17.80 4.90
N ILE A 99 -21.41 -17.65 5.44
CA ILE A 99 -21.55 -17.53 6.89
C ILE A 99 -21.01 -18.77 7.59
N ARG A 100 -21.40 -19.95 7.10
CA ARG A 100 -20.93 -21.19 7.72
C ARG A 100 -19.41 -21.32 7.68
N LYS A 101 -18.81 -21.05 6.51
CA LYS A 101 -17.37 -21.18 6.36
C LYS A 101 -16.62 -20.22 7.28
N ASN A 102 -17.13 -19.00 7.41
CA ASN A 102 -16.52 -18.03 8.31
C ASN A 102 -16.50 -18.57 9.73
N LEU A 103 -17.62 -19.11 10.19
CA LEU A 103 -17.67 -19.61 11.55
C LEU A 103 -16.78 -20.84 11.70
N GLU A 104 -16.70 -21.66 10.65
CA GLU A 104 -15.86 -22.86 10.68
C GLU A 104 -14.39 -22.48 10.85
N SER A 105 -13.98 -21.35 10.28
CA SER A 105 -12.58 -20.93 10.34
C SER A 105 -12.16 -20.56 11.77
N TYR A 106 -13.12 -20.27 12.63
CA TYR A 106 -12.83 -19.91 14.02
C TYR A 106 -13.31 -20.98 14.98
N SER A 107 -13.57 -22.17 14.45
CA SER A 107 -14.06 -23.31 15.23
C SER A 107 -15.33 -22.99 16.00
N LEU A 108 -16.22 -22.20 15.39
CA LEU A 108 -17.48 -21.82 16.02
C LEU A 108 -18.67 -22.58 15.43
N TRP A 109 -18.46 -23.29 14.32
CA TRP A 109 -19.58 -23.94 13.66
C TRP A 109 -20.03 -25.24 14.31
N ASN A 110 -21.35 -25.37 14.49
CA ASN A 110 -22.00 -26.65 14.73
C ASN A 110 -23.34 -26.65 13.98
N GLU A 111 -23.73 -27.80 13.44
CA GLU A 111 -24.86 -27.83 12.51
C GLU A 111 -26.20 -27.47 13.14
N ALA A 112 -26.27 -27.46 14.48
CA ALA A 112 -27.48 -27.01 15.14
C ALA A 112 -27.68 -25.49 15.00
N LEU A 113 -26.68 -24.80 14.46
CA LEU A 113 -26.79 -23.37 14.22
C LEU A 113 -27.62 -23.06 12.98
N ALA A 114 -27.57 -23.98 12.01
CA ALA A 114 -28.15 -23.76 10.68
C ALA A 114 -29.62 -23.34 10.67
N PRO A 115 -30.49 -24.00 11.46
CA PRO A 115 -31.88 -23.54 11.41
C PRO A 115 -32.07 -22.10 11.87
N ARG A 116 -31.15 -21.60 12.69
CA ARG A 116 -31.30 -20.29 13.32
C ARG A 116 -30.90 -19.11 12.41
N ILE A 117 -30.10 -19.40 11.38
CA ILE A 117 -29.50 -18.38 10.53
C ILE A 117 -30.30 -18.20 9.23
N VAL A 118 -30.64 -16.95 8.91
CA VAL A 118 -31.34 -16.62 7.69
C VAL A 118 -30.58 -15.61 6.88
N PRO A 119 -29.85 -16.06 5.87
CA PRO A 119 -29.13 -15.04 5.13
C PRO A 119 -30.08 -14.09 4.40
N VAL A 120 -29.67 -12.83 4.32
CA VAL A 120 -30.36 -11.83 3.55
C VAL A 120 -29.34 -11.35 2.55
N ARG A 121 -29.58 -11.61 1.26
CA ARG A 121 -28.67 -11.16 0.23
C ARG A 121 -28.64 -9.64 0.21
N GLY A 122 -27.45 -9.04 0.23
CA GLY A 122 -27.34 -7.61 0.33
C GLY A 122 -25.95 -7.10 0.63
N ASP A 123 -25.86 -5.77 0.74
CA ASP A 123 -24.60 -5.07 0.71
C ASP A 123 -24.76 -3.80 1.52
N ILE A 124 -24.02 -3.72 2.62
CA ILE A 124 -24.03 -2.55 3.47
C ILE A 124 -23.71 -1.23 2.73
N GLY A 125 -22.98 -1.33 1.63
CA GLY A 125 -22.55 -0.13 0.92
C GLY A 125 -23.51 0.32 -0.18
N GLN A 126 -24.71 -0.25 -0.19
CA GLN A 126 -25.72 0.09 -1.22
C GLN A 126 -26.99 0.62 -0.56
N PRO A 127 -27.76 1.47 -1.27
CA PRO A 127 -29.05 1.96 -0.78
C PRO A 127 -29.94 0.80 -0.33
N LEU A 128 -30.65 0.99 0.77
CA LEU A 128 -31.54 -0.05 1.29
C LEU A 128 -30.81 -1.37 1.54
N LEU A 129 -29.50 -1.28 1.81
CA LEU A 129 -28.68 -2.46 2.08
C LEU A 129 -28.65 -3.39 0.87
N GLY A 130 -28.86 -2.85 -0.32
CA GLY A 130 -28.81 -3.65 -1.53
C GLY A 130 -30.12 -4.33 -1.87
N LEU A 131 -31.15 -4.07 -1.08
CA LEU A 131 -32.45 -4.70 -1.28
C LEU A 131 -33.32 -3.88 -2.23
N SER A 132 -34.27 -4.54 -2.88
CA SER A 132 -35.31 -3.85 -3.65
C SER A 132 -36.26 -3.17 -2.68
N GLU A 133 -37.06 -2.22 -3.17
CA GLU A 133 -38.06 -1.59 -2.30
C GLU A 133 -38.97 -2.61 -1.64
N LYS A 134 -39.37 -3.62 -2.40
CA LYS A 134 -40.29 -4.63 -1.88
C LYS A 134 -39.59 -5.46 -0.79
N GLU A 135 -38.36 -5.84 -1.05
CA GLU A 135 -37.59 -6.62 -0.08
C GLU A 135 -37.30 -5.81 1.18
N PHE A 136 -36.98 -4.53 1.01
CA PHE A 136 -36.68 -3.67 2.16
C PHE A 136 -37.94 -3.51 3.02
N GLN A 137 -39.09 -3.34 2.37
CA GLN A 137 -40.34 -3.24 3.09
C GLN A 137 -40.62 -4.53 3.87
N ARG A 138 -40.34 -5.67 3.25
CA ARG A 138 -40.55 -6.95 3.92
C ARG A 138 -39.63 -7.10 5.15
N LEU A 139 -38.36 -6.74 4.96
CA LEU A 139 -37.41 -6.82 6.06
C LEU A 139 -37.85 -5.89 7.19
N SER A 140 -38.42 -4.74 6.83
CA SER A 140 -38.88 -3.76 7.81
C SER A 140 -40.08 -4.26 8.62
N GLU A 141 -40.74 -5.31 8.13
CA GLU A 141 -41.86 -5.91 8.85
C GLU A 141 -41.40 -7.05 9.74
N GLU A 142 -40.32 -7.71 9.34
CA GLU A 142 -39.92 -8.97 9.96
C GLU A 142 -38.97 -8.83 11.16
N ILE A 143 -38.10 -7.82 11.12
CA ILE A 143 -37.01 -7.71 12.11
C ILE A 143 -37.40 -7.02 13.39
N ASP A 144 -37.07 -7.63 14.54
CA ASP A 144 -37.40 -7.01 15.81
C ASP A 144 -36.27 -6.12 16.32
N ALA A 145 -35.04 -6.53 16.07
CA ALA A 145 -33.89 -5.78 16.57
C ALA A 145 -32.67 -5.95 15.65
N ILE A 146 -31.75 -4.99 15.71
CA ILE A 146 -30.61 -4.95 14.81
C ILE A 146 -29.29 -4.88 15.57
N TYR A 147 -28.37 -5.78 15.24
CA TYR A 147 -26.99 -5.68 15.69
C TYR A 147 -26.16 -5.26 14.48
N HIS A 148 -25.74 -4.00 14.47
CA HIS A 148 -25.02 -3.46 13.33
C HIS A 148 -23.49 -3.50 13.54
N ASN A 149 -22.87 -4.55 13.04
CA ASN A 149 -21.43 -4.77 13.18
C ASN A 149 -20.72 -4.77 11.81
N GLY A 150 -21.47 -4.50 10.75
CA GLY A 150 -20.90 -4.49 9.41
C GLY A 150 -20.22 -3.15 9.16
N ALA A 151 -19.07 -3.19 8.50
CA ALA A 151 -18.28 -2.00 8.21
C ALA A 151 -17.08 -2.37 7.34
N LEU A 152 -16.62 -1.42 6.54
CA LEU A 152 -15.35 -1.58 5.83
C LEU A 152 -14.26 -1.03 6.72
N VAL A 153 -13.33 -1.90 7.12
CA VAL A 153 -12.18 -1.50 7.93
C VAL A 153 -10.92 -1.55 7.07
N ASN A 154 -10.43 -0.37 6.70
CA ASN A 154 -9.19 -0.24 5.98
C ASN A 154 -8.39 0.93 6.56
N PHE A 155 -7.21 0.64 7.07
CA PHE A 155 -6.46 1.67 7.79
C PHE A 155 -5.58 2.53 6.87
N LEU A 156 -5.59 2.23 5.59
CA LEU A 156 -4.84 3.02 4.62
C LEU A 156 -5.71 3.96 3.78
N TYR A 157 -6.95 3.57 3.51
CA TYR A 157 -7.83 4.31 2.61
C TYR A 157 -8.36 5.62 3.21
N PRO A 158 -8.74 6.59 2.35
CA PRO A 158 -9.32 7.85 2.83
C PRO A 158 -10.80 7.72 3.19
N TYR A 159 -11.34 8.75 3.82
CA TYR A 159 -12.75 8.81 4.20
C TYR A 159 -13.66 8.39 3.07
N GLU A 160 -13.43 8.91 1.86
CA GLU A 160 -14.36 8.67 0.76
C GLU A 160 -14.45 7.19 0.40
N SER A 161 -13.44 6.39 0.73
CA SER A 161 -13.46 4.98 0.39
C SER A 161 -14.38 4.17 1.33
N MSE A 162 -14.69 4.73 2.49
CA MSE A 162 -15.46 4.00 3.48
C MSE A 162 -16.80 4.66 3.76
O MSE A 162 -17.60 4.19 4.59
CB MSE A 162 -14.65 3.84 4.78
CG MSE A 162 -13.69 2.66 4.72
SE MSE A 162 -12.31 2.72 6.07
CE MSE A 162 -11.24 4.18 5.28
N ARG A 163 -17.04 5.76 3.05
CA ARG A 163 -18.30 6.50 3.18
C ARG A 163 -19.52 5.61 2.91
N ALA A 164 -19.47 4.86 1.81
CA ALA A 164 -20.63 4.03 1.43
C ALA A 164 -20.95 2.98 2.50
N ALA A 165 -19.94 2.23 2.92
CA ALA A 165 -20.18 1.13 3.85
C ALA A 165 -20.42 1.60 5.28
N ASN A 166 -19.65 2.59 5.73
CA ASN A 166 -19.71 2.98 7.13
C ASN A 166 -20.69 4.10 7.42
N VAL A 167 -20.74 5.09 6.54
CA VAL A 167 -21.61 6.22 6.77
C VAL A 167 -22.99 5.93 6.17
N LEU A 168 -23.05 5.69 4.87
CA LEU A 168 -24.35 5.47 4.26
C LEU A 168 -24.97 4.15 4.73
N GLY A 169 -24.13 3.13 4.94
CA GLY A 169 -24.62 1.86 5.43
C GLY A 169 -25.31 2.00 6.78
N THR A 170 -24.71 2.79 7.67
CA THR A 170 -25.29 3.04 8.97
C THR A 170 -26.58 3.85 8.80
N ARG A 171 -26.55 4.83 7.89
CA ARG A 171 -27.78 5.57 7.57
C ARG A 171 -28.91 4.63 7.14
N GLU A 172 -28.61 3.67 6.29
CA GLU A 172 -29.65 2.77 5.77
C GLU A 172 -30.16 1.83 6.88
N ILE A 173 -29.28 1.46 7.79
CA ILE A 173 -29.65 0.66 8.96
C ILE A 173 -30.61 1.46 9.82
N LEU A 174 -30.31 2.74 10.00
CA LEU A 174 -31.21 3.61 10.77
C LEU A 174 -32.55 3.75 10.07
N ARG A 175 -32.51 3.80 8.75
CA ARG A 175 -33.73 3.82 7.95
C ARG A 175 -34.61 2.58 8.21
N LEU A 176 -33.99 1.42 8.19
CA LEU A 176 -34.69 0.18 8.45
C LEU A 176 -35.24 0.14 9.87
N ALA A 177 -34.45 0.66 10.82
CA ALA A 177 -34.83 0.65 12.23
C ALA A 177 -36.02 1.57 12.49
N THR A 178 -36.31 2.48 11.56
CA THR A 178 -37.44 3.39 11.74
C THR A 178 -38.54 3.18 10.69
N ARG A 179 -38.41 2.13 9.88
CA ARG A 179 -39.37 1.86 8.81
C ARG A 179 -40.42 0.85 9.29
N THR A 180 -41.69 1.21 9.12
CA THR A 180 -42.80 0.32 9.45
C THR A 180 -43.00 0.25 10.96
N ARG A 181 -42.03 -0.32 11.65
CA ARG A 181 -42.08 -0.44 13.11
C ARG A 181 -40.68 -0.31 13.71
N ILE A 182 -40.64 0.28 14.90
CA ILE A 182 -39.38 0.60 15.58
C ILE A 182 -38.57 -0.63 15.94
N LYS A 183 -37.28 -0.57 15.64
CA LYS A 183 -36.37 -1.66 15.93
C LYS A 183 -35.16 -1.15 16.72
N PRO A 184 -35.01 -1.63 17.97
CA PRO A 184 -33.81 -1.25 18.71
C PRO A 184 -32.54 -1.62 17.95
N LEU A 185 -31.53 -0.76 18.12
CA LEU A 185 -30.29 -0.88 17.39
C LEU A 185 -29.10 -1.00 18.34
N HIS A 186 -28.37 -2.09 18.24
CA HIS A 186 -27.16 -2.24 19.01
C HIS A 186 -26.00 -2.00 18.06
N TYR A 187 -25.40 -0.83 18.18
CA TYR A 187 -24.45 -0.36 17.18
C TYR A 187 -23.00 -0.61 17.60
N VAL A 188 -22.26 -1.36 16.80
CA VAL A 188 -20.85 -1.58 17.07
C VAL A 188 -20.01 -0.48 16.42
N SER A 189 -19.55 0.44 17.26
CA SER A 189 -18.70 1.55 16.81
C SER A 189 -17.22 1.19 16.95
N THR A 190 -16.46 2.03 17.63
CA THR A 190 -15.04 1.74 17.84
C THR A 190 -14.43 2.80 18.73
N VAL A 191 -13.41 2.45 19.51
CA VAL A 191 -12.72 3.47 20.29
C VAL A 191 -12.00 4.45 19.36
N SER A 192 -11.83 4.07 18.10
CA SER A 192 -11.15 4.97 17.15
C SER A 192 -11.99 6.20 16.75
N VAL A 193 -13.21 6.32 17.27
CA VAL A 193 -13.93 7.59 17.09
C VAL A 193 -13.37 8.68 18.03
N LEU A 194 -12.47 8.27 18.92
CA LEU A 194 -11.85 9.16 19.92
C LEU A 194 -10.45 9.66 19.51
N PRO A 195 -10.10 10.88 19.94
CA PRO A 195 -8.75 11.39 19.64
C PRO A 195 -7.67 10.56 20.35
N LEU A 196 -6.51 10.45 19.70
CA LEU A 196 -5.35 9.74 20.25
C LEU A 196 -4.48 10.70 21.03
N GLY A 197 -3.65 10.18 21.92
CA GLY A 197 -2.64 11.00 22.55
C GLY A 197 -3.01 11.64 23.88
N ARG A 198 -4.25 11.45 24.30
CA ARG A 198 -4.76 12.03 25.55
C ARG A 198 -4.38 11.13 26.71
N LYS A 199 -3.95 11.73 27.81
CA LYS A 199 -3.39 10.99 28.90
C LYS A 199 -4.41 10.22 29.73
N ALA A 200 -5.45 10.89 30.16
CA ALA A 200 -6.43 10.33 31.08
C ALA A 200 -7.36 9.41 30.30
N PRO A 201 -7.76 8.29 30.93
CA PRO A 201 -8.71 7.37 30.31
C PRO A 201 -9.99 8.11 29.92
N ILE A 202 -10.38 8.01 28.65
CA ILE A 202 -11.54 8.76 28.19
C ILE A 202 -12.81 8.08 28.68
N ARG A 203 -13.70 8.86 29.28
CA ARG A 203 -14.92 8.31 29.88
C ARG A 203 -15.94 7.94 28.82
N GLU A 204 -16.68 6.89 29.09
CA GLU A 204 -17.72 6.42 28.20
C GLU A 204 -18.81 7.46 28.00
N ASP A 205 -19.07 8.29 29.00
CA ASP A 205 -20.13 9.29 28.88
C ASP A 205 -19.64 10.66 28.40
N GLU A 206 -18.38 10.73 27.98
CA GLU A 206 -17.85 11.98 27.45
C GLU A 206 -18.36 12.20 26.03
N PRO A 207 -18.93 13.38 25.77
CA PRO A 207 -19.41 13.75 24.44
C PRO A 207 -18.30 13.67 23.40
N LEU A 208 -18.65 13.37 22.16
CA LEU A 208 -17.68 13.36 21.07
C LEU A 208 -17.19 14.77 20.80
N GLU A 209 -15.89 14.88 20.57
CA GLU A 209 -15.29 16.13 20.11
C GLU A 209 -15.55 16.35 18.63
N GLY A 210 -15.05 17.46 18.12
CA GLY A 210 -15.20 17.77 16.71
C GLY A 210 -14.37 16.86 15.82
N PRO A 211 -14.64 16.88 14.52
CA PRO A 211 -14.06 15.94 13.55
C PRO A 211 -12.57 16.15 13.31
N SER A 212 -12.07 17.32 13.62
CA SER A 212 -10.69 17.62 13.31
C SER A 212 -9.75 16.86 14.19
N SER A 213 -10.23 16.28 15.27
CA SER A 213 -9.39 15.55 16.21
C SER A 213 -8.81 14.22 15.68
N LEU A 214 -9.44 13.68 14.65
CA LEU A 214 -9.21 12.33 14.20
C LEU A 214 -8.25 12.29 13.03
N VAL A 215 -7.58 11.17 12.90
CA VAL A 215 -6.67 10.92 11.79
C VAL A 215 -7.04 9.63 11.05
N GLY A 216 -7.09 9.73 9.72
CA GLY A 216 -7.28 8.55 8.89
C GLY A 216 -8.74 8.34 8.53
N GLY A 217 -8.96 7.71 7.38
CA GLY A 217 -10.29 7.53 6.86
C GLY A 217 -11.19 6.64 7.71
N TYR A 218 -10.61 5.61 8.33
CA TYR A 218 -11.44 4.69 9.10
C TYR A 218 -12.06 5.42 10.30
N ALA A 219 -11.21 6.07 11.09
CA ALA A 219 -11.67 6.81 12.27
C ALA A 219 -12.68 7.88 11.87
N GLN A 220 -12.37 8.59 10.80
CA GLN A 220 -13.27 9.64 10.33
C GLN A 220 -14.64 9.08 9.96
N SER A 221 -14.67 7.96 9.25
CA SER A 221 -15.97 7.41 8.81
C SER A 221 -16.78 6.86 9.99
N LYS A 222 -16.09 6.32 10.99
CA LYS A 222 -16.79 5.76 12.15
C LYS A 222 -17.29 6.89 13.06
N TRP A 223 -16.56 7.99 13.11
CA TRP A 223 -17.02 9.17 13.84
C TRP A 223 -18.36 9.64 13.26
N VAL A 224 -18.39 9.80 11.94
CA VAL A 224 -19.62 10.23 11.28
C VAL A 224 -20.77 9.24 11.55
N ALA A 225 -20.49 7.94 11.38
CA ALA A 225 -21.50 6.93 11.64
C ALA A 225 -22.07 7.04 13.06
N GLU A 226 -21.20 7.21 14.04
CA GLU A 226 -21.70 7.28 15.42
C GLU A 226 -22.51 8.55 15.64
N LYS A 227 -22.14 9.65 14.99
CA LYS A 227 -22.97 10.87 15.03
C LYS A 227 -24.39 10.61 14.52
N LEU A 228 -24.49 9.86 13.42
CA LEU A 228 -25.80 9.55 12.85
C LEU A 228 -26.63 8.74 13.83
N VAL A 229 -25.96 7.77 14.48
CA VAL A 229 -26.65 6.90 15.42
C VAL A 229 -27.09 7.69 16.65
N ARG A 230 -26.24 8.61 17.11
CA ARG A 230 -26.61 9.46 18.24
C ARG A 230 -27.83 10.35 17.93
N GLU A 231 -27.87 10.92 16.73
CA GLU A 231 -29.04 11.73 16.36
C GLU A 231 -30.32 10.88 16.32
N ALA A 232 -30.21 9.64 15.85
CA ALA A 232 -31.35 8.74 15.83
C ALA A 232 -31.82 8.50 17.26
N SER A 233 -30.87 8.29 18.16
CA SER A 233 -31.15 8.10 19.57
C SER A 233 -31.86 9.33 20.12
N ARG A 234 -31.36 10.51 19.75
CA ARG A 234 -31.93 11.77 20.21
C ARG A 234 -33.38 11.83 19.76
N ARG A 235 -33.65 11.31 18.57
CA ARG A 235 -34.99 11.35 18.00
C ARG A 235 -35.91 10.27 18.60
N GLY A 236 -35.36 9.42 19.46
CA GLY A 236 -36.17 8.45 20.18
C GLY A 236 -35.98 6.99 19.81
N LEU A 237 -35.11 6.71 18.85
CA LEU A 237 -34.73 5.33 18.57
C LEU A 237 -33.96 4.74 19.75
N PRO A 238 -34.38 3.56 20.24
CA PRO A 238 -33.59 2.89 21.28
C PRO A 238 -32.30 2.34 20.70
N VAL A 239 -31.18 2.79 21.25
CA VAL A 239 -29.86 2.48 20.73
C VAL A 239 -28.90 2.14 21.86
N THR A 240 -28.04 1.15 21.64
CA THR A 240 -26.86 0.99 22.48
C THR A 240 -25.65 1.23 21.60
N ILE A 241 -24.66 1.93 22.14
CA ILE A 241 -23.43 2.19 21.39
C ILE A 241 -22.26 1.50 22.05
N LEU A 242 -21.68 0.53 21.34
CA LEU A 242 -20.61 -0.31 21.86
C LEU A 242 -19.33 0.01 21.11
N ARG A 243 -18.29 0.41 21.85
CA ARG A 243 -17.01 0.77 21.24
C ARG A 243 -15.92 -0.22 21.65
N PRO A 244 -15.65 -1.22 20.81
CA PRO A 244 -14.56 -2.16 21.10
C PRO A 244 -13.21 -1.49 20.99
N GLY A 245 -12.24 -1.94 21.77
CA GLY A 245 -10.86 -1.50 21.61
C GLY A 245 -10.16 -2.30 20.51
N ARG A 246 -8.92 -2.69 20.79
CA ARG A 246 -8.17 -3.50 19.85
C ARG A 246 -8.55 -4.96 20.07
N VAL A 247 -9.33 -5.50 19.14
CA VAL A 247 -9.94 -6.82 19.33
C VAL A 247 -8.98 -7.92 18.91
N THR A 248 -8.59 -8.76 19.87
CA THR A 248 -7.57 -9.78 19.64
C THR A 248 -8.16 -11.19 19.70
N GLY A 249 -7.30 -12.20 19.61
CA GLY A 249 -7.74 -13.59 19.50
C GLY A 249 -8.65 -14.08 20.61
N HIS A 250 -9.38 -15.17 20.34
CA HIS A 250 -10.18 -15.82 21.36
C HIS A 250 -9.26 -16.34 22.48
N SER A 251 -9.60 -16.07 23.73
CA SER A 251 -8.67 -16.31 24.86
C SER A 251 -8.41 -17.77 25.18
N ARG A 252 -9.23 -18.67 24.63
CA ARG A 252 -9.09 -20.09 24.90
C ARG A 252 -8.64 -20.87 23.68
N THR A 253 -9.28 -20.65 22.54
CA THR A 253 -8.90 -21.32 21.29
C THR A 253 -7.76 -20.63 20.55
N GLY A 254 -7.56 -19.34 20.83
CA GLY A 254 -6.59 -18.57 20.09
C GLY A 254 -7.06 -18.15 18.71
N ALA A 255 -8.32 -18.42 18.40
CA ALA A 255 -8.87 -18.10 17.08
C ALA A 255 -8.66 -16.63 16.79
N TRP A 256 -8.01 -16.35 15.67
CA TRP A 256 -7.63 -14.98 15.35
C TRP A 256 -7.35 -14.84 13.87
N ASN A 257 -8.05 -13.90 13.26
CA ASN A 257 -7.89 -13.61 11.86
C ASN A 257 -6.46 -13.09 11.53
N THR A 258 -5.67 -13.85 10.77
CA THR A 258 -4.24 -13.53 10.63
C THR A 258 -3.88 -12.36 9.71
N ASP A 259 -4.84 -11.86 8.94
CA ASP A 259 -4.63 -10.67 8.12
C ASP A 259 -4.80 -9.40 8.98
N ASP A 260 -5.18 -9.59 10.23
CA ASP A 260 -5.22 -8.52 11.22
C ASP A 260 -3.88 -7.80 11.37
N LEU A 261 -3.93 -6.48 11.47
CA LEU A 261 -2.72 -5.67 11.60
C LEU A 261 -1.82 -6.06 12.80
N VAL A 262 -2.45 -6.39 13.92
CA VAL A 262 -1.70 -6.78 15.11
C VAL A 262 -0.95 -8.09 14.88
N CYS A 263 -1.59 -9.03 14.19
CA CYS A 263 -0.88 -10.27 13.83
C CYS A 263 0.27 -9.98 12.89
N ARG A 264 0.04 -9.12 11.90
CA ARG A 264 1.09 -8.71 10.97
C ARG A 264 2.29 -8.12 11.67
N THR A 265 2.01 -7.23 12.62
CA THR A 265 3.05 -6.58 13.37
C THR A 265 3.86 -7.56 14.20
N LEU A 266 3.16 -8.45 14.92
CA LEU A 266 3.86 -9.44 15.73
C LEU A 266 4.73 -10.36 14.89
N LYS A 267 4.21 -10.78 13.74
CA LYS A 267 4.99 -11.67 12.87
C LYS A 267 6.22 -10.94 12.35
N GLY A 268 6.06 -9.67 12.00
CA GLY A 268 7.18 -8.84 11.57
C GLY A 268 8.25 -8.76 12.64
N CYS A 269 7.86 -8.55 13.89
CA CYS A 269 8.83 -8.47 14.97
C CYS A 269 9.55 -9.79 15.11
N VAL A 270 8.81 -10.88 15.04
CA VAL A 270 9.41 -12.21 15.19
C VAL A 270 10.39 -12.47 14.06
N ARG A 271 10.00 -12.19 12.83
CA ARG A 271 10.86 -12.47 11.69
C ARG A 271 12.13 -11.61 11.68
N MSE A 272 12.03 -10.37 12.11
CA MSE A 272 13.21 -9.49 12.19
C MSE A 272 14.04 -9.75 13.43
O MSE A 272 15.22 -9.44 13.46
CB MSE A 272 12.81 -8.03 12.16
CG MSE A 272 12.15 -7.62 10.87
SE MSE A 272 11.97 -5.69 10.84
CE MSE A 272 10.42 -5.54 11.96
N GLY A 273 13.40 -10.29 14.46
CA GLY A 273 14.08 -10.56 15.71
C GLY A 273 14.22 -9.30 16.55
N VAL A 274 13.42 -8.28 16.24
CA VAL A 274 13.48 -7.02 16.97
C VAL A 274 12.09 -6.40 17.14
N ALA A 275 11.86 -5.82 18.31
CA ALA A 275 10.56 -5.19 18.62
C ALA A 275 10.79 -3.78 19.14
N PRO A 276 9.78 -2.90 18.97
CA PRO A 276 9.96 -1.51 19.38
C PRO A 276 9.60 -1.27 20.84
N SER A 277 10.35 -0.42 21.52
CA SER A 277 9.91 0.03 22.82
C SER A 277 9.00 1.23 22.57
N VAL A 278 7.71 1.04 22.80
CA VAL A 278 6.76 2.12 22.68
C VAL A 278 6.25 2.43 24.08
N ASP A 279 5.86 3.68 24.32
CA ASP A 279 5.41 4.03 25.67
C ASP A 279 3.90 3.94 25.85
N ALA A 280 3.17 3.42 24.87
CA ALA A 280 1.72 3.32 24.97
C ALA A 280 1.28 2.33 26.05
N LEU A 281 0.09 2.56 26.60
CA LEU A 281 -0.56 1.55 27.45
C LEU A 281 -1.38 0.65 26.54
N LEU A 282 -0.79 -0.47 26.13
CA LEU A 282 -1.37 -1.29 25.09
C LEU A 282 -2.68 -1.98 25.52
N ASP A 283 -3.69 -1.82 24.69
CA ASP A 283 -4.94 -2.55 24.82
C ASP A 283 -4.94 -3.83 23.97
N LEU A 284 -5.29 -4.95 24.60
CA LEU A 284 -5.57 -6.18 23.87
C LEU A 284 -6.83 -6.77 24.48
N THR A 285 -7.90 -6.76 23.69
CA THR A 285 -9.21 -7.16 24.17
C THR A 285 -9.69 -8.39 23.42
N PRO A 286 -9.61 -9.56 24.07
CA PRO A 286 -9.99 -10.81 23.38
C PRO A 286 -11.41 -10.79 22.80
N VAL A 287 -11.58 -11.34 21.61
CA VAL A 287 -12.87 -11.29 20.91
C VAL A 287 -14.01 -11.97 21.69
N ASP A 288 -13.69 -12.99 22.52
CA ASP A 288 -14.75 -13.63 23.30
C ASP A 288 -15.31 -12.70 24.38
N TYR A 289 -14.50 -11.78 24.89
CA TYR A 289 -15.03 -10.77 25.79
C TYR A 289 -15.90 -9.73 25.07
N VAL A 290 -15.42 -9.24 23.93
CA VAL A 290 -16.18 -8.24 23.19
C VAL A 290 -17.53 -8.79 22.79
N SER A 291 -17.55 -9.99 22.20
CA SER A 291 -18.82 -10.54 21.74
C SER A 291 -19.75 -10.81 22.93
N SER A 292 -19.23 -11.38 24.02
CA SER A 292 -20.11 -11.63 25.17
C SER A 292 -20.64 -10.35 25.78
N ALA A 293 -19.80 -9.30 25.84
CA ALA A 293 -20.23 -8.03 26.43
C ALA A 293 -21.28 -7.36 25.55
N ILE A 294 -21.07 -7.38 24.24
CA ILE A 294 -22.06 -6.82 23.32
C ILE A 294 -23.43 -7.43 23.59
N VAL A 295 -23.48 -8.76 23.61
CA VAL A 295 -24.77 -9.44 23.78
C VAL A 295 -25.32 -9.18 25.17
N ASP A 296 -24.51 -9.28 26.20
CA ASP A 296 -24.94 -8.99 27.55
C ASP A 296 -25.50 -7.60 27.69
N LEU A 297 -24.79 -6.61 27.22
CA LEU A 297 -25.21 -5.21 27.35
C LEU A 297 -26.47 -4.96 26.54
N SER A 298 -26.58 -5.61 25.39
CA SER A 298 -27.72 -5.39 24.50
C SER A 298 -29.02 -5.86 25.16
N MSE A 299 -28.89 -6.69 26.18
CA MSE A 299 -30.08 -7.29 26.75
C MSE A 299 -30.52 -6.64 28.04
O MSE A 299 -31.47 -7.08 28.69
CB MSE A 299 -29.86 -8.78 26.94
CG MSE A 299 -29.60 -9.42 25.60
SE MSE A 299 -30.11 -11.26 25.55
CE MSE A 299 -28.87 -11.87 26.91
N ARG A 300 -29.83 -5.55 28.39
CA ARG A 300 -30.20 -4.76 29.55
C ARG A 300 -30.92 -3.51 29.09
N PRO A 301 -32.15 -3.29 29.57
CA PRO A 301 -32.85 -2.06 29.16
C PRO A 301 -32.13 -0.83 29.73
N GLU A 302 -31.34 -1.03 30.78
CA GLU A 302 -30.53 0.05 31.32
C GLU A 302 -29.50 0.56 30.28
N SER A 303 -29.17 -0.27 29.31
CA SER A 303 -28.15 0.08 28.30
C SER A 303 -28.65 1.05 27.24
N ILE A 304 -29.97 1.24 27.15
CA ILE A 304 -30.54 2.08 26.10
C ILE A 304 -30.07 3.52 26.26
N GLY A 305 -29.57 4.09 25.16
CA GLY A 305 -29.06 5.44 25.16
C GLY A 305 -27.62 5.54 25.67
N GLN A 306 -27.07 4.41 26.12
CA GLN A 306 -25.74 4.45 26.77
C GLN A 306 -24.62 4.05 25.83
N THR A 307 -23.38 4.34 26.26
CA THR A 307 -22.17 4.03 25.50
C THR A 307 -21.24 3.22 26.38
N TYR A 308 -20.64 2.16 25.81
CA TYR A 308 -19.74 1.31 26.57
C TYR A 308 -18.41 1.11 25.86
N HIS A 309 -17.34 1.15 26.62
CA HIS A 309 -16.00 0.91 26.09
C HIS A 309 -15.63 -0.53 26.34
N LEU A 310 -15.62 -1.32 25.28
CA LEU A 310 -15.30 -2.74 25.42
C LEU A 310 -13.81 -2.91 25.20
N VAL A 311 -13.07 -2.52 26.23
CA VAL A 311 -11.61 -2.55 26.24
C VAL A 311 -11.15 -3.36 27.43
N ASN A 312 -9.91 -3.84 27.36
CA ASN A 312 -9.31 -4.50 28.51
C ASN A 312 -9.09 -3.48 29.62
N PRO A 313 -9.69 -3.71 30.79
CA PRO A 313 -9.47 -2.82 31.94
C PRO A 313 -8.01 -2.75 32.38
N GLN A 314 -7.24 -3.80 32.06
CA GLN A 314 -5.82 -3.84 32.43
C GLN A 314 -4.95 -3.62 31.18
N PHE A 315 -4.15 -2.56 31.14
CA PHE A 315 -3.25 -2.37 30.01
C PHE A 315 -2.03 -3.28 30.14
N VAL A 316 -1.30 -3.47 29.05
CA VAL A 316 -0.03 -4.16 29.11
C VAL A 316 1.02 -3.19 28.59
N ARG A 317 2.23 -3.26 29.13
CA ARG A 317 3.33 -2.45 28.60
C ARG A 317 4.04 -3.22 27.51
N ALA A 318 4.65 -2.53 26.56
CA ALA A 318 5.35 -3.19 25.47
C ALA A 318 6.43 -4.16 25.97
N ASP A 319 7.20 -3.77 26.99
CA ASP A 319 8.28 -4.66 27.40
C ASP A 319 7.74 -5.93 28.05
N GLU A 320 6.54 -5.87 28.62
CA GLU A 320 5.89 -7.08 29.11
C GLU A 320 5.51 -7.98 27.93
N MSE A 321 4.96 -7.37 26.87
CA MSE A 321 4.64 -8.13 25.67
C MSE A 321 5.86 -8.88 25.15
O MSE A 321 5.77 -10.05 24.83
CB MSE A 321 4.10 -7.21 24.58
CG MSE A 321 2.65 -6.84 24.72
SE MSE A 321 1.50 -8.43 24.47
CE MSE A 321 2.13 -9.09 22.77
N TRP A 322 7.00 -8.20 25.05
CA TRP A 322 8.16 -8.89 24.51
C TRP A 322 8.61 -9.99 25.47
N ASN A 323 8.50 -9.75 26.78
CA ASN A 323 8.81 -10.81 27.74
C ASN A 323 7.94 -12.05 27.47
N TYR A 324 6.65 -11.84 27.21
CA TYR A 324 5.74 -12.97 27.03
C TYR A 324 6.11 -13.74 25.77
N MSE A 325 6.54 -13.00 24.74
CA MSE A 325 6.90 -13.64 23.48
C MSE A 325 8.25 -14.37 23.53
O MSE A 325 8.41 -15.43 22.93
CB MSE A 325 6.87 -12.58 22.36
CG MSE A 325 5.45 -12.07 22.19
SE MSE A 325 5.37 -10.73 20.79
CE MSE A 325 5.80 -11.90 19.28
N ARG A 326 9.21 -13.83 24.28
CA ARG A 326 10.46 -14.55 24.49
C ARG A 326 10.21 -15.82 25.27
N ALA A 327 9.31 -15.75 26.22
CA ALA A 327 9.03 -16.90 27.08
C ALA A 327 8.44 -18.03 26.24
N PHE A 328 7.65 -17.65 25.24
CA PHE A 328 7.13 -18.62 24.30
C PHE A 328 8.24 -19.20 23.44
N GLY A 329 9.30 -18.41 23.19
CA GLY A 329 10.46 -18.93 22.50
C GLY A 329 11.03 -18.09 21.38
N TYR A 330 10.50 -16.88 21.19
CA TYR A 330 10.97 -16.02 20.11
C TYR A 330 11.96 -14.97 20.60
N GLY A 331 13.13 -14.90 19.97
CA GLY A 331 14.08 -13.86 20.30
C GLY A 331 13.60 -12.50 19.86
N LEU A 332 13.76 -11.51 20.74
CA LEU A 332 13.40 -10.14 20.42
C LEU A 332 14.38 -9.16 21.06
N ARG A 333 15.21 -8.53 20.23
CA ARG A 333 15.97 -7.37 20.67
C ARG A 333 15.01 -6.19 20.74
N VAL A 334 15.23 -5.27 21.65
CA VAL A 334 14.38 -4.09 21.72
C VAL A 334 15.11 -2.85 21.22
N LEU A 335 14.42 -2.08 20.40
CA LEU A 335 14.94 -0.83 19.88
C LEU A 335 13.93 0.30 20.05
N PRO A 336 14.43 1.53 20.23
CA PRO A 336 13.57 2.71 20.15
C PRO A 336 12.69 2.64 18.90
N TYR A 337 11.46 3.14 18.98
CA TYR A 337 10.50 2.97 17.89
C TYR A 337 11.01 3.49 16.54
N ASP A 338 11.69 4.61 16.56
CA ASP A 338 12.20 5.18 15.31
C ASP A 338 13.26 4.30 14.67
N GLN A 339 14.11 3.70 15.50
CA GLN A 339 15.12 2.79 14.99
C GLN A 339 14.48 1.49 14.53
N TRP A 340 13.48 1.00 15.26
CA TRP A 340 12.74 -0.18 14.81
C TRP A 340 12.06 0.05 13.46
N LEU A 341 11.45 1.21 13.30
CA LEU A 341 10.76 1.54 12.06
C LEU A 341 11.75 1.60 10.90
N SER A 342 12.95 2.08 11.19
CA SER A 342 13.99 2.18 10.16
C SER A 342 14.48 0.80 9.75
N GLU A 343 14.58 -0.12 10.71
CA GLU A 343 14.94 -1.50 10.38
C GLU A 343 13.84 -2.18 9.56
N LEU A 344 12.59 -1.83 9.84
CA LEU A 344 11.48 -2.37 9.06
C LEU A 344 11.63 -1.92 7.59
N GLY A 345 11.90 -0.63 7.42
CA GLY A 345 12.05 -0.06 6.09
C GLY A 345 13.18 -0.74 5.34
N SER A 346 14.29 -0.96 6.03
CA SER A 346 15.44 -1.64 5.44
C SER A 346 15.10 -3.10 5.08
N ALA A 347 14.38 -3.77 5.97
CA ALA A 347 13.96 -5.15 5.71
C ALA A 347 13.01 -5.24 4.53
N ALA A 348 12.21 -4.20 4.35
CA ALA A 348 11.19 -4.17 3.33
C ALA A 348 11.78 -4.23 1.92
N SER A 349 13.04 -3.83 1.78
CA SER A 349 13.72 -3.83 0.48
C SER A 349 13.66 -5.19 -0.20
N SER A 350 13.82 -6.24 0.59
CA SER A 350 13.88 -7.60 0.06
C SER A 350 12.77 -8.49 0.59
N ASP A 351 11.72 -7.88 1.14
CA ASP A 351 10.64 -8.64 1.74
C ASP A 351 9.33 -7.87 1.59
N SER A 352 8.44 -8.35 0.73
CA SER A 352 7.22 -7.61 0.41
C SER A 352 6.19 -7.63 1.53
N GLU A 353 6.19 -8.68 2.34
CA GLU A 353 5.29 -8.75 3.49
C GLU A 353 5.65 -7.68 4.53
N LEU A 354 6.94 -7.51 4.80
CA LEU A 354 7.37 -6.46 5.72
C LEU A 354 7.08 -5.08 5.12
N GLY A 355 7.26 -4.98 3.81
CA GLY A 355 6.86 -3.77 3.10
C GLY A 355 5.39 -3.46 3.29
N ASP A 356 4.54 -4.48 3.19
CA ASP A 356 3.11 -4.31 3.40
C ASP A 356 2.82 -3.75 4.78
N LEU A 357 3.55 -4.24 5.79
CA LEU A 357 3.40 -3.78 7.16
C LEU A 357 3.86 -2.32 7.31
N LEU A 358 4.94 -1.99 6.63
CA LEU A 358 5.51 -0.66 6.69
C LEU A 358 4.53 0.42 6.21
N MSE A 359 3.73 0.09 5.21
CA MSE A 359 2.74 1.04 4.67
C MSE A 359 1.85 1.60 5.78
O MSE A 359 1.63 2.80 5.87
CB MSE A 359 1.86 0.39 3.60
CG MSE A 359 2.59 -0.02 2.33
SE MSE A 359 3.82 1.39 1.73
CE MSE A 359 5.45 0.72 2.54
N PHE A 360 1.36 0.69 6.61
CA PHE A 360 0.50 1.05 7.73
C PHE A 360 1.15 2.06 8.70
N LEU A 361 2.44 1.88 9.00
CA LEU A 361 3.05 2.67 10.06
C LEU A 361 3.67 4.00 9.59
N GLN A 362 3.88 4.14 8.29
CA GLN A 362 4.50 5.34 7.75
C GLN A 362 3.59 6.54 7.63
N GLN A 363 2.29 6.29 7.68
CA GLN A 363 1.30 7.33 7.43
C GLN A 363 1.45 8.58 8.30
N VAL A 364 2.02 8.42 9.49
CA VAL A 364 2.28 9.56 10.36
C VAL A 364 3.52 10.33 9.90
N PRO A 365 3.39 11.65 9.72
CA PRO A 365 4.54 12.48 9.32
C PRO A 365 5.51 12.72 10.49
N SER A 370 6.83 11.06 17.53
CA SER A 370 7.75 11.06 18.68
C SER A 370 8.52 9.76 18.97
N VAL A 371 9.47 9.87 19.89
CA VAL A 371 10.37 8.77 20.23
C VAL A 371 9.64 7.56 20.82
N GLY A 372 8.54 7.80 21.50
CA GLY A 372 7.82 6.73 22.16
C GLY A 372 6.88 5.96 21.24
N GLY A 373 6.87 6.31 19.96
CA GLY A 373 6.06 5.58 19.01
C GLY A 373 4.68 6.17 18.84
N PRO A 374 3.80 5.44 18.15
CA PRO A 374 2.45 5.90 17.80
C PRO A 374 1.59 6.30 19.00
N ARG A 375 0.83 7.38 18.85
CA ARG A 375 -0.17 7.77 19.83
C ARG A 375 -1.27 6.73 19.84
N MSE A 376 -1.72 6.33 21.03
CA MSE A 376 -2.87 5.44 21.11
C MSE A 376 -3.89 6.00 22.11
O MSE A 376 -3.58 6.94 22.84
CB MSE A 376 -2.42 4.04 21.52
CG MSE A 376 -1.50 3.45 20.46
SE MSE A 376 -0.94 1.64 20.91
CE MSE A 376 0.66 1.53 19.78
N VAL A 377 -5.10 5.46 22.10
CA VAL A 377 -6.12 5.96 23.01
C VAL A 377 -6.22 5.09 24.26
N VAL A 378 -6.46 5.74 25.39
CA VAL A 378 -6.71 5.04 26.63
C VAL A 378 -8.14 5.34 27.05
N CYS A 379 -8.89 4.28 27.34
CA CYS A 379 -10.33 4.38 27.62
C CYS A 379 -10.70 3.89 29.01
N ASP A 380 -11.59 4.61 29.66
CA ASP A 380 -12.20 4.15 30.90
C ASP A 380 -13.33 3.19 30.58
N SER A 381 -13.56 2.20 31.45
CA SER A 381 -14.61 1.21 31.20
C SER A 381 -15.48 0.94 32.44
N GLY A 382 -15.53 1.93 33.33
CA GLY A 382 -16.21 1.78 34.61
C GLY A 382 -17.70 1.49 34.46
N ASP A 383 -18.36 2.10 33.46
CA ASP A 383 -19.78 1.85 33.22
C ASP A 383 -20.02 0.43 32.70
N THR A 384 -19.10 -0.06 31.86
CA THR A 384 -19.18 -1.43 31.42
C THR A 384 -18.99 -2.41 32.60
N LEU A 385 -17.99 -2.14 33.42
CA LEU A 385 -17.68 -3.02 34.55
C LEU A 385 -18.91 -3.17 35.46
N LYS A 386 -19.52 -2.04 35.80
CA LYS A 386 -20.74 -2.07 36.62
C LYS A 386 -21.87 -2.85 35.95
N ALA A 387 -22.13 -2.55 34.68
CA ALA A 387 -23.27 -3.16 34.02
C ALA A 387 -23.09 -4.68 33.90
N LEU A 388 -21.84 -5.15 33.87
CA LEU A 388 -21.58 -6.57 33.70
C LEU A 388 -21.35 -7.32 35.02
N GLY A 389 -21.39 -6.62 36.15
CA GLY A 389 -20.95 -7.19 37.43
C GLY A 389 -21.75 -8.39 37.89
N GLY A 390 -23.02 -8.46 37.51
CA GLY A 390 -23.88 -9.57 37.87
C GLY A 390 -23.86 -10.65 36.81
N THR A 391 -23.08 -10.44 35.75
CA THR A 391 -22.91 -11.44 34.70
C THR A 391 -21.61 -12.21 34.88
N GLY A 392 -21.41 -13.24 34.06
CA GLY A 392 -20.16 -13.98 34.09
C GLY A 392 -19.18 -13.49 33.04
N THR A 393 -19.36 -12.24 32.60
CA THR A 393 -18.56 -11.67 31.52
C THR A 393 -17.50 -10.72 32.06
N SER A 394 -16.25 -11.13 31.90
CA SER A 394 -15.11 -10.40 32.42
C SER A 394 -13.98 -10.56 31.43
N CYS A 395 -13.20 -9.51 31.22
CA CYS A 395 -12.14 -9.56 30.22
C CYS A 395 -10.92 -10.33 30.73
N PRO A 396 -10.42 -11.27 29.91
CA PRO A 396 -9.20 -11.99 30.28
C PRO A 396 -8.02 -11.04 30.43
N SER A 397 -7.13 -11.38 31.36
CA SER A 397 -5.89 -10.64 31.55
C SER A 397 -4.90 -10.93 30.44
N VAL A 398 -4.07 -9.94 30.12
CA VAL A 398 -2.97 -10.19 29.20
C VAL A 398 -1.80 -10.68 30.03
N ASP A 399 -1.39 -11.91 29.77
CA ASP A 399 -0.25 -12.49 30.49
C ASP A 399 0.45 -13.50 29.61
N ALA A 400 1.51 -14.14 30.11
CA ALA A 400 2.25 -15.08 29.30
C ALA A 400 1.35 -16.20 28.76
N SER A 401 0.38 -16.63 29.57
CA SER A 401 -0.53 -17.70 29.15
C SER A 401 -1.39 -17.30 27.95
N LEU A 402 -2.01 -16.12 28.01
CA LEU A 402 -2.82 -15.62 26.87
C LEU A 402 -1.96 -15.53 25.62
N ILE A 403 -0.77 -14.93 25.76
CA ILE A 403 0.10 -14.80 24.60
C ILE A 403 0.52 -16.18 24.07
N SER A 404 0.74 -17.15 24.95
CA SER A 404 1.08 -18.49 24.48
C SER A 404 -0.08 -19.11 23.71
N THR A 405 -1.30 -18.91 24.21
CA THR A 405 -2.48 -19.38 23.51
C THR A 405 -2.54 -18.80 22.09
N TYR A 406 -2.31 -17.50 21.99
CA TYR A 406 -2.31 -16.81 20.68
C TYR A 406 -1.21 -17.35 19.77
N LEU A 407 0.04 -17.33 20.26
CA LEU A 407 1.15 -17.77 19.44
C LEU A 407 1.02 -19.25 19.03
N SER A 408 0.55 -20.12 19.94
CA SER A 408 0.41 -21.54 19.63
C SER A 408 -0.53 -21.77 18.44
N SER A 409 -1.63 -21.02 18.41
CA SER A 409 -2.60 -21.08 17.32
C SER A 409 -1.98 -20.59 16.00
N LEU A 410 -1.24 -19.48 16.05
CA LEU A 410 -0.59 -18.96 14.86
C LEU A 410 0.44 -19.93 14.30
N VAL A 411 1.16 -20.63 15.19
CA VAL A 411 2.11 -21.64 14.74
C VAL A 411 1.35 -22.81 14.12
N HIS A 412 0.29 -23.27 14.78
CA HIS A 412 -0.46 -24.43 14.33
C HIS A 412 -1.06 -24.19 12.96
N ARG A 413 -1.47 -22.94 12.71
CA ARG A 413 -2.09 -22.59 11.45
C ARG A 413 -1.07 -22.16 10.39
N GLY A 414 0.20 -22.23 10.73
CA GLY A 414 1.24 -22.02 9.75
C GLY A 414 1.56 -20.56 9.48
N PHE A 415 0.99 -19.67 10.28
CA PHE A 415 1.25 -18.24 10.13
C PHE A 415 2.65 -17.87 10.66
N LEU A 416 3.05 -18.55 11.74
CA LEU A 416 4.37 -18.37 12.34
C LEU A 416 5.12 -19.69 12.35
N LYS A 417 6.43 -19.64 12.16
CA LYS A 417 7.30 -20.79 12.34
C LYS A 417 7.46 -21.05 13.83
N ALA A 418 7.39 -22.32 14.23
CA ALA A 418 7.55 -22.69 15.64
C ALA A 418 8.91 -22.21 16.16
N PRO A 419 8.97 -21.79 17.43
CA PRO A 419 10.23 -21.29 18.00
C PRO A 419 11.32 -22.34 18.01
N GLU A 420 12.57 -21.92 17.83
CA GLU A 420 13.72 -22.82 17.81
C GLU A 420 13.79 -23.66 19.09
N ASP B 27 17.08 13.09 10.91
CA ASP B 27 16.28 13.53 9.77
C ASP B 27 16.78 12.88 8.48
N VAL B 28 15.87 12.63 7.55
CA VAL B 28 16.25 11.88 6.35
C VAL B 28 17.28 12.65 5.52
N THR B 29 17.21 13.98 5.49
CA THR B 29 18.14 14.77 4.68
C THR B 29 19.54 14.72 5.29
N VAL B 30 19.60 14.52 6.60
CA VAL B 30 20.89 14.30 7.27
C VAL B 30 21.52 13.00 6.77
N GLU B 31 20.74 11.94 6.75
CA GLU B 31 21.22 10.64 6.28
C GLU B 31 21.62 10.72 4.82
N MSE B 32 20.82 11.39 4.00
CA MSE B 32 21.12 11.56 2.58
C MSE B 32 22.46 12.26 2.36
O MSE B 32 23.29 11.77 1.59
CB MSE B 32 20.02 12.34 1.90
CG MSE B 32 18.72 11.61 1.88
SE MSE B 32 17.28 12.75 1.25
CE MSE B 32 17.97 13.05 -0.55
N GLU B 33 22.66 13.39 3.02
CA GLU B 33 23.93 14.10 2.93
C GLU B 33 25.09 13.22 3.38
N ALA B 34 24.91 12.46 4.47
CA ALA B 34 25.98 11.57 4.94
C ALA B 34 26.25 10.47 3.92
N ASP B 35 25.19 9.92 3.35
CA ASP B 35 25.33 8.82 2.40
C ASP B 35 25.93 9.27 1.06
N ALA B 36 25.85 10.57 0.77
CA ALA B 36 26.35 11.09 -0.50
C ALA B 36 27.85 11.39 -0.47
N VAL B 37 28.49 11.10 0.67
CA VAL B 37 29.94 11.27 0.76
C VAL B 37 30.59 9.99 0.25
N LEU B 38 31.42 10.11 -0.78
CA LEU B 38 32.02 8.94 -1.41
C LEU B 38 33.28 8.53 -0.65
N ASP B 39 33.35 7.25 -0.30
CA ASP B 39 34.49 6.72 0.45
C ASP B 39 35.80 7.17 -0.19
N ALA B 40 36.75 7.57 0.64
CA ALA B 40 38.01 8.14 0.15
C ALA B 40 38.77 7.17 -0.75
N GLU B 41 38.63 5.88 -0.49
CA GLU B 41 39.44 4.91 -1.22
C GLU B 41 38.86 4.65 -2.60
N ILE B 42 37.64 5.13 -2.85
CA ILE B 42 37.06 5.04 -4.18
C ILE B 42 37.55 6.21 -5.02
N ALA B 43 38.64 5.96 -5.73
CA ALA B 43 39.38 6.99 -6.42
C ALA B 43 40.36 6.30 -7.39
N LEU B 44 40.96 7.05 -8.29
CA LEU B 44 41.80 6.43 -9.31
C LEU B 44 43.00 5.69 -8.70
N GLY B 45 43.62 6.29 -7.69
CA GLY B 45 44.75 5.67 -7.00
C GLY B 45 45.80 5.19 -7.98
N LYS B 46 46.14 3.91 -7.88
CA LYS B 46 47.14 3.33 -8.78
C LYS B 46 46.51 2.40 -9.81
N ALA B 47 45.20 2.49 -10.00
CA ALA B 47 44.51 1.64 -10.95
C ALA B 47 45.05 1.88 -12.36
N LEU B 48 45.10 0.81 -13.16
CA LEU B 48 45.57 0.92 -14.53
C LEU B 48 44.61 1.77 -15.37
N PRO B 49 45.13 2.43 -16.42
CA PRO B 49 44.29 3.32 -17.24
C PRO B 49 43.12 2.59 -17.93
N PRO B 50 42.09 3.36 -18.32
CA PRO B 50 40.96 2.74 -18.99
C PRO B 50 41.32 2.25 -20.39
N VAL B 51 40.55 1.32 -20.92
CA VAL B 51 40.75 0.84 -22.28
C VAL B 51 40.57 1.97 -23.30
N THR B 52 41.52 2.10 -24.22
CA THR B 52 41.39 3.09 -25.27
C THR B 52 41.11 2.41 -26.60
N GLY B 53 41.37 1.12 -26.67
CA GLY B 53 41.07 0.34 -27.85
C GLY B 53 39.66 -0.20 -27.82
N ALA B 54 39.43 -1.28 -28.57
CA ALA B 54 38.13 -1.90 -28.69
C ALA B 54 37.67 -2.49 -27.35
N LEU B 55 36.40 -2.27 -27.01
CA LEU B 55 35.85 -2.84 -25.78
C LEU B 55 35.64 -4.35 -25.95
N ARG B 56 36.15 -5.11 -24.98
CA ARG B 56 36.05 -6.56 -25.01
C ARG B 56 34.87 -7.05 -24.19
N THR B 57 34.62 -6.36 -23.07
CA THR B 57 33.65 -6.80 -22.08
C THR B 57 32.89 -5.60 -21.51
N ILE B 58 31.63 -5.84 -21.17
CA ILE B 58 30.79 -4.81 -20.61
C ILE B 58 30.00 -5.40 -19.47
N LEU B 59 29.94 -4.71 -18.34
CA LEU B 59 29.05 -5.13 -17.25
C LEU B 59 27.76 -4.32 -17.33
N LEU B 60 26.64 -5.03 -17.38
CA LEU B 60 25.32 -4.41 -17.37
C LEU B 60 24.61 -4.80 -16.08
N THR B 61 24.15 -3.82 -15.33
CA THR B 61 23.26 -4.13 -14.23
C THR B 61 21.84 -3.78 -14.72
N GLY B 62 20.87 -4.55 -14.26
CA GLY B 62 19.48 -4.27 -14.55
C GLY B 62 18.94 -5.01 -15.75
N ALA B 63 19.57 -6.10 -16.16
CA ALA B 63 19.11 -6.81 -17.36
C ALA B 63 17.76 -7.48 -17.17
N THR B 64 17.30 -7.65 -15.93
CA THR B 64 16.02 -8.31 -15.71
C THR B 64 14.88 -7.31 -15.60
N GLY B 65 15.19 -6.03 -15.78
CA GLY B 65 14.17 -4.99 -15.78
C GLY B 65 13.74 -4.57 -17.18
N PHE B 66 12.91 -3.54 -17.24
CA PHE B 66 12.29 -3.12 -18.50
C PHE B 66 13.30 -2.46 -19.41
N LEU B 67 13.81 -1.30 -19.00
CA LEU B 67 14.83 -0.62 -19.80
C LEU B 67 16.03 -1.54 -20.01
N GLY B 68 16.34 -2.33 -18.99
CA GLY B 68 17.47 -3.24 -19.06
C GLY B 68 17.40 -4.26 -20.18
N ALA B 69 16.19 -4.78 -20.46
CA ALA B 69 16.03 -5.72 -21.55
C ALA B 69 16.43 -5.08 -22.89
N PHE B 70 15.99 -3.84 -23.09
CA PHE B 70 16.28 -3.14 -24.33
C PHE B 70 17.74 -2.70 -24.44
N LEU B 71 18.30 -2.29 -23.32
CA LEU B 71 19.71 -1.97 -23.27
C LEU B 71 20.55 -3.18 -23.65
N LEU B 72 20.21 -4.33 -23.08
CA LEU B 72 20.99 -5.55 -23.33
C LEU B 72 20.97 -5.92 -24.81
N GLU B 73 19.77 -5.96 -25.39
CA GLU B 73 19.64 -6.32 -26.81
C GLU B 73 20.36 -5.30 -27.69
N GLU B 74 20.27 -4.03 -27.33
CA GLU B 74 20.92 -2.99 -28.09
C GLU B 74 22.44 -3.12 -28.02
N LEU B 75 22.96 -3.36 -26.83
CA LEU B 75 24.40 -3.50 -26.66
C LEU B 75 24.94 -4.68 -27.47
N CYS B 76 24.17 -5.77 -27.53
CA CYS B 76 24.59 -6.92 -28.32
C CYS B 76 24.65 -6.54 -29.80
N ARG B 77 23.66 -5.79 -30.28
CA ARG B 77 23.63 -5.35 -31.67
C ARG B 77 24.74 -4.35 -32.01
N ARG B 78 25.08 -3.47 -31.07
CA ARG B 78 25.95 -2.34 -31.39
C ARG B 78 27.40 -2.50 -30.93
N THR B 79 27.68 -3.57 -30.20
CA THR B 79 29.06 -3.86 -29.80
C THR B 79 29.42 -5.29 -30.15
N ASP B 80 30.71 -5.59 -30.09
CA ASP B 80 31.22 -6.95 -30.20
C ASP B 80 31.62 -7.50 -28.83
N ALA B 81 31.15 -6.86 -27.77
CA ALA B 81 31.61 -7.22 -26.43
C ALA B 81 30.82 -8.36 -25.82
N ARG B 82 31.47 -9.12 -24.95
CA ARG B 82 30.75 -10.04 -24.06
C ARG B 82 30.06 -9.20 -23.01
N ILE B 83 28.77 -9.43 -22.83
CA ILE B 83 27.99 -8.61 -21.91
C ILE B 83 27.76 -9.38 -20.62
N TYR B 84 28.52 -9.02 -19.59
CA TYR B 84 28.34 -9.59 -18.28
C TYR B 84 27.10 -8.96 -17.66
N CYS B 85 26.17 -9.79 -17.20
CA CYS B 85 24.91 -9.29 -16.64
C CYS B 85 24.74 -9.72 -15.19
N LEU B 86 24.79 -8.76 -14.28
CA LEU B 86 24.51 -9.03 -12.88
C LEU B 86 23.06 -9.48 -12.70
N VAL B 87 22.84 -10.60 -12.01
CA VAL B 87 21.49 -11.15 -11.88
C VAL B 87 21.33 -11.96 -10.59
N ARG B 88 20.29 -11.71 -9.83
CA ARG B 88 20.05 -12.46 -8.65
C ARG B 88 19.53 -13.85 -8.99
N SER B 89 20.29 -14.88 -8.67
CA SER B 89 19.92 -16.27 -8.96
C SER B 89 20.77 -17.27 -8.19
N LYS B 90 20.26 -18.50 -8.05
CA LYS B 90 20.96 -19.55 -7.30
C LYS B 90 22.06 -20.19 -8.11
N THR B 91 21.91 -20.19 -9.44
CA THR B 91 22.88 -20.74 -10.35
C THR B 91 23.01 -19.83 -11.57
N GLU B 92 24.08 -19.99 -12.34
CA GLU B 92 24.26 -19.20 -13.56
C GLU B 92 23.22 -19.56 -14.61
N GLN B 93 22.77 -20.81 -14.62
CA GLN B 93 21.76 -21.25 -15.56
C GLN B 93 20.42 -20.60 -15.26
N GLU B 94 20.11 -20.54 -13.97
CA GLU B 94 18.89 -19.88 -13.52
C GLU B 94 18.96 -18.39 -13.89
N GLY B 95 20.15 -17.81 -13.75
CA GLY B 95 20.37 -16.42 -14.12
C GLY B 95 20.15 -16.18 -15.60
N MSE B 96 20.74 -17.04 -16.44
CA MSE B 96 20.52 -16.97 -17.87
C MSE B 96 19.04 -17.10 -18.19
O MSE B 96 18.52 -16.39 -19.05
CB MSE B 96 21.30 -18.07 -18.60
CG MSE B 96 21.09 -18.04 -20.11
SE MSE B 96 21.93 -16.50 -20.99
CE MSE B 96 23.75 -17.19 -21.07
N ASN B 97 18.35 -18.01 -17.50
CA ASN B 97 16.92 -18.20 -17.71
C ASN B 97 16.11 -16.94 -17.37
N ARG B 98 16.44 -16.28 -16.28
CA ARG B 98 15.76 -15.04 -15.92
C ARG B 98 15.97 -13.98 -17.00
N ILE B 99 17.19 -13.88 -17.50
CA ILE B 99 17.51 -12.88 -18.52
C ILE B 99 16.80 -13.19 -19.83
N ARG B 100 16.80 -14.46 -20.23
CA ARG B 100 16.14 -14.85 -21.48
C ARG B 100 14.64 -14.60 -21.42
N LYS B 101 14.01 -15.03 -20.32
CA LYS B 101 12.57 -14.85 -20.17
C LYS B 101 12.18 -13.38 -20.17
N ASN B 102 13.00 -12.55 -19.53
CA ASN B 102 12.74 -11.11 -19.53
C ASN B 102 12.75 -10.58 -20.96
N LEU B 103 13.79 -10.89 -21.73
CA LEU B 103 13.87 -10.37 -23.09
C LEU B 103 12.77 -10.98 -23.95
N GLU B 104 12.47 -12.26 -23.71
CA GLU B 104 11.37 -12.92 -24.41
C GLU B 104 10.05 -12.19 -24.20
N SER B 105 9.83 -11.68 -22.99
CA SER B 105 8.56 -11.04 -22.67
C SER B 105 8.37 -9.75 -23.47
N TYR B 106 9.44 -9.24 -24.07
CA TYR B 106 9.39 -7.99 -24.83
C TYR B 106 9.71 -8.20 -26.31
N SER B 107 9.74 -9.47 -26.75
CA SER B 107 10.10 -9.84 -28.12
C SER B 107 11.51 -9.45 -28.52
N LEU B 108 12.46 -9.53 -27.57
CA LEU B 108 13.83 -9.09 -27.81
C LEU B 108 14.81 -10.26 -27.90
N TRP B 109 14.35 -11.46 -27.53
CA TRP B 109 15.25 -12.61 -27.52
C TRP B 109 15.43 -13.31 -28.87
N ASN B 110 16.67 -13.72 -29.11
CA ASN B 110 17.00 -14.72 -30.11
C ASN B 110 18.12 -15.56 -29.50
N GLU B 111 18.16 -16.85 -29.79
CA GLU B 111 19.11 -17.73 -29.11
C GLU B 111 20.58 -17.41 -29.41
N ALA B 112 20.82 -16.61 -30.46
CA ALA B 112 22.17 -16.19 -30.79
C ALA B 112 22.74 -15.22 -29.75
N LEU B 113 21.89 -14.68 -28.89
CA LEU B 113 22.34 -13.74 -27.86
C LEU B 113 23.03 -14.45 -26.71
N ALA B 114 22.69 -15.73 -26.51
CA ALA B 114 23.20 -16.50 -25.37
C ALA B 114 24.73 -16.53 -25.26
N PRO B 115 25.45 -16.73 -26.38
CA PRO B 115 26.92 -16.72 -26.24
C PRO B 115 27.48 -15.35 -25.86
N ARG B 116 26.73 -14.29 -26.12
CA ARG B 116 27.16 -12.93 -25.83
C ARG B 116 26.91 -12.55 -24.36
N ILE B 117 26.07 -13.34 -23.68
CA ILE B 117 25.66 -13.04 -22.31
C ILE B 117 26.36 -13.91 -21.28
N VAL B 118 27.04 -13.26 -20.34
CA VAL B 118 27.62 -13.97 -19.20
C VAL B 118 26.89 -13.60 -17.91
N PRO B 119 25.99 -14.47 -17.44
CA PRO B 119 25.30 -14.16 -16.18
C PRO B 119 26.31 -14.05 -15.06
N VAL B 120 26.14 -13.07 -14.19
CA VAL B 120 27.00 -12.94 -13.01
C VAL B 120 26.08 -12.97 -11.81
N ARG B 121 26.10 -14.10 -11.08
CA ARG B 121 25.25 -14.23 -9.90
C ARG B 121 25.64 -13.18 -8.86
N GLY B 122 24.67 -12.40 -8.42
CA GLY B 122 24.96 -11.32 -7.50
C GLY B 122 23.75 -10.48 -7.23
N ASP B 123 23.95 -9.44 -6.44
CA ASP B 123 22.86 -8.65 -5.90
C ASP B 123 23.33 -7.24 -5.70
N ILE B 124 22.73 -6.30 -6.43
CA ILE B 124 23.12 -4.91 -6.37
C ILE B 124 22.99 -4.34 -4.95
N GLY B 125 22.17 -4.98 -4.12
CA GLY B 125 21.94 -4.51 -2.76
C GLY B 125 22.91 -5.05 -1.72
N GLN B 126 23.95 -5.75 -2.16
CA GLN B 126 24.91 -6.38 -1.25
C GLN B 126 26.33 -5.84 -1.49
N PRO B 127 27.18 -5.88 -0.46
CA PRO B 127 28.58 -5.48 -0.62
C PRO B 127 29.23 -6.24 -1.77
N LEU B 128 30.07 -5.55 -2.54
CA LEU B 128 30.76 -6.17 -3.67
C LEU B 128 29.78 -6.76 -4.69
N LEU B 129 28.58 -6.19 -4.76
CA LEU B 129 27.55 -6.69 -5.68
C LEU B 129 27.17 -8.14 -5.38
N GLY B 130 27.38 -8.59 -4.15
CA GLY B 130 27.04 -9.95 -3.77
C GLY B 130 28.13 -10.97 -4.07
N LEU B 131 29.28 -10.48 -4.55
CA LEU B 131 30.40 -11.35 -4.94
C LEU B 131 31.37 -11.54 -3.76
N SER B 132 32.04 -12.70 -3.74
CA SER B 132 33.14 -12.90 -2.80
C SER B 132 34.30 -11.97 -3.17
N GLU B 133 35.26 -11.79 -2.24
CA GLU B 133 36.42 -10.95 -2.52
C GLU B 133 37.15 -11.44 -3.76
N LYS B 134 37.24 -12.76 -3.89
CA LYS B 134 37.95 -13.33 -5.03
C LYS B 134 37.20 -13.05 -6.33
N GLU B 135 35.89 -13.29 -6.31
CA GLU B 135 35.03 -13.05 -7.49
C GLU B 135 35.06 -11.58 -7.91
N PHE B 136 35.03 -10.70 -6.92
CA PHE B 136 35.04 -9.27 -7.19
C PHE B 136 36.35 -8.86 -7.83
N GLN B 137 37.45 -9.40 -7.30
CA GLN B 137 38.76 -9.09 -7.85
C GLN B 137 38.81 -9.55 -9.31
N ARG B 138 38.27 -10.73 -9.58
CA ARG B 138 38.30 -11.25 -10.95
C ARG B 138 37.49 -10.34 -11.89
N LEU B 139 36.31 -9.94 -11.44
CA LEU B 139 35.46 -9.05 -12.23
C LEU B 139 36.18 -7.72 -12.46
N SER B 140 36.94 -7.28 -11.45
CA SER B 140 37.66 -6.01 -11.56
C SER B 140 38.78 -6.08 -12.60
N GLU B 141 39.18 -7.30 -12.95
CA GLU B 141 40.20 -7.52 -13.99
C GLU B 141 39.59 -7.66 -15.38
N GLU B 142 38.37 -8.18 -15.44
CA GLU B 142 37.81 -8.59 -16.73
C GLU B 142 36.99 -7.51 -17.46
N ILE B 143 36.32 -6.65 -16.69
CA ILE B 143 35.36 -5.69 -17.23
C ILE B 143 35.99 -4.40 -17.77
N ASP B 144 35.61 -4.03 -18.99
CA ASP B 144 36.15 -2.84 -19.61
C ASP B 144 35.30 -1.59 -19.37
N ALA B 145 33.98 -1.77 -19.35
CA ALA B 145 33.04 -0.65 -19.19
C ALA B 145 31.79 -1.10 -18.45
N ILE B 146 31.09 -0.15 -17.82
CA ILE B 146 29.92 -0.48 -17.00
C ILE B 146 28.70 0.35 -17.42
N TYR B 147 27.60 -0.33 -17.66
CA TYR B 147 26.30 0.34 -17.80
C TYR B 147 25.52 0.02 -16.56
N HIS B 148 25.33 1.02 -15.70
CA HIS B 148 24.68 0.76 -14.43
C HIS B 148 23.22 1.21 -14.45
N ASN B 149 22.33 0.26 -14.74
CA ASN B 149 20.88 0.51 -14.87
C ASN B 149 20.08 -0.18 -13.75
N GLY B 150 20.78 -0.93 -12.92
CA GLY B 150 20.15 -1.66 -11.84
C GLY B 150 19.72 -0.70 -10.75
N ALA B 151 18.51 -0.91 -10.22
CA ALA B 151 17.98 -0.07 -9.14
C ALA B 151 16.69 -0.65 -8.63
N LEU B 152 16.35 -0.33 -7.39
CA LEU B 152 15.04 -0.66 -6.83
C LEU B 152 14.15 0.55 -6.99
N VAL B 153 13.09 0.39 -7.76
CA VAL B 153 12.16 1.47 -8.02
C VAL B 153 10.85 1.15 -7.34
N ASN B 154 10.55 1.89 -6.29
CA ASN B 154 9.32 1.71 -5.53
C ASN B 154 8.83 3.08 -5.10
N PHE B 155 7.65 3.48 -5.55
CA PHE B 155 7.19 4.83 -5.33
C PHE B 155 6.46 5.01 -4.01
N LEU B 156 6.35 3.94 -3.24
CA LEU B 156 5.71 4.01 -1.94
C LEU B 156 6.72 3.99 -0.78
N TYR B 157 7.80 3.24 -0.95
CA TYR B 157 8.78 3.00 0.12
C TYR B 157 9.60 4.23 0.53
N PRO B 158 10.06 4.29 1.78
CA PRO B 158 10.93 5.39 2.25
C PRO B 158 12.37 5.21 1.74
N TYR B 159 13.17 6.25 1.90
CA TYR B 159 14.59 6.21 1.57
C TYR B 159 15.29 4.92 2.03
N GLU B 160 15.09 4.54 3.29
CA GLU B 160 15.85 3.42 3.85
C GLU B 160 15.60 2.10 3.11
N SER B 161 14.44 1.97 2.45
CA SER B 161 14.13 0.73 1.73
C SER B 161 14.95 0.60 0.43
N MSE B 162 15.44 1.72 -0.09
CA MSE B 162 16.16 1.67 -1.37
C MSE B 162 17.61 2.07 -1.21
O MSE B 162 18.36 2.13 -2.18
CB MSE B 162 15.45 2.57 -2.38
CG MSE B 162 14.26 1.88 -2.99
SE MSE B 162 13.00 3.13 -3.76
CE MSE B 162 12.42 3.98 -2.09
N ARG B 163 18.01 2.31 0.03
CA ARG B 163 19.39 2.66 0.32
C ARG B 163 20.37 1.58 -0.15
N ALA B 164 20.07 0.32 0.16
CA ALA B 164 21.00 -0.77 -0.21
C ALA B 164 21.18 -0.89 -1.74
N ALA B 165 20.07 -0.92 -2.47
CA ALA B 165 20.14 -1.14 -3.92
C ALA B 165 20.62 0.10 -4.68
N ASN B 166 20.14 1.28 -4.26
CA ASN B 166 20.39 2.47 -5.07
C ASN B 166 21.60 3.27 -4.64
N VAL B 167 21.78 3.40 -3.33
CA VAL B 167 22.92 4.15 -2.81
C VAL B 167 24.14 3.25 -2.72
N LEU B 168 24.04 2.18 -1.92
CA LEU B 168 25.21 1.33 -1.70
C LEU B 168 25.57 0.57 -2.98
N GLY B 169 24.55 0.17 -3.74
CA GLY B 169 24.80 -0.53 -4.99
C GLY B 169 25.59 0.33 -5.95
N THR B 170 25.27 1.61 -6.00
CA THR B 170 25.97 2.53 -6.88
C THR B 170 27.39 2.74 -6.34
N ARG B 171 27.52 2.82 -5.01
CA ARG B 171 28.84 2.90 -4.40
C ARG B 171 29.70 1.69 -4.80
N GLU B 172 29.12 0.49 -4.74
CA GLU B 172 29.87 -0.73 -5.04
C GLU B 172 30.25 -0.82 -6.53
N ILE B 173 29.37 -0.30 -7.39
CA ILE B 173 29.69 -0.15 -8.82
C ILE B 173 30.87 0.81 -9.00
N LEU B 174 30.85 1.93 -8.28
CA LEU B 174 31.96 2.87 -8.33
C LEU B 174 33.25 2.24 -7.81
N ARG B 175 33.12 1.39 -6.78
CA ARG B 175 34.25 0.60 -6.28
C ARG B 175 34.84 -0.30 -7.38
N LEU B 176 33.98 -1.01 -8.11
CA LEU B 176 34.42 -1.90 -9.17
C LEU B 176 35.11 -1.10 -10.25
N ALA B 177 34.57 0.09 -10.53
CA ALA B 177 35.04 0.92 -11.63
C ALA B 177 36.43 1.48 -11.37
N THR B 178 36.82 1.50 -10.11
CA THR B 178 38.13 2.02 -9.72
C THR B 178 39.04 0.92 -9.17
N ARG B 179 38.61 -0.34 -9.27
CA ARG B 179 39.37 -1.46 -8.72
C ARG B 179 40.23 -2.10 -9.81
N THR B 180 41.52 -2.22 -9.54
CA THR B 180 42.45 -2.86 -10.45
C THR B 180 42.76 -1.96 -11.63
N ARG B 181 41.76 -1.74 -12.47
CA ARG B 181 41.90 -0.86 -13.64
C ARG B 181 40.62 -0.07 -13.88
N ILE B 182 40.79 1.13 -14.39
CA ILE B 182 39.71 2.10 -14.50
C ILE B 182 38.69 1.67 -15.55
N LYS B 183 37.41 1.75 -15.19
CA LYS B 183 36.33 1.36 -16.09
C LYS B 183 35.33 2.50 -16.22
N PRO B 184 35.16 3.01 -17.45
CA PRO B 184 34.17 4.06 -17.70
C PRO B 184 32.79 3.60 -17.28
N LEU B 185 32.02 4.53 -16.72
CA LEU B 185 30.71 4.24 -16.17
C LEU B 185 29.62 5.04 -16.87
N HIS B 186 28.65 4.35 -17.45
CA HIS B 186 27.50 5.03 -18.00
C HIS B 186 26.34 4.78 -17.04
N TYR B 187 25.99 5.83 -16.31
CA TYR B 187 25.09 5.71 -15.18
C TYR B 187 23.69 6.15 -15.54
N VAL B 188 22.71 5.26 -15.35
CA VAL B 188 21.32 5.60 -15.60
C VAL B 188 20.69 6.16 -14.32
N SER B 189 20.49 7.47 -14.30
CA SER B 189 19.87 8.14 -13.15
C SER B 189 18.37 8.29 -13.38
N THR B 190 17.87 9.50 -13.23
CA THR B 190 16.45 9.77 -13.49
C THR B 190 16.19 11.24 -13.35
N VAL B 191 15.19 11.76 -14.07
CA VAL B 191 14.84 13.18 -13.91
C VAL B 191 14.27 13.41 -12.51
N SER B 192 13.93 12.34 -11.80
CA SER B 192 13.35 12.46 -10.48
C SER B 192 14.35 12.94 -9.41
N VAL B 193 15.61 13.11 -9.77
CA VAL B 193 16.57 13.74 -8.87
C VAL B 193 16.41 15.26 -8.88
N LEU B 194 15.52 15.77 -9.73
CA LEU B 194 15.31 17.20 -9.90
C LEU B 194 14.10 17.69 -9.11
N PRO B 195 14.13 18.95 -8.68
CA PRO B 195 13.01 19.47 -7.88
C PRO B 195 11.74 19.72 -8.70
N LEU B 196 10.59 19.49 -8.09
CA LEU B 196 9.30 19.83 -8.69
C LEU B 196 9.00 21.30 -8.48
N GLY B 197 8.04 21.83 -9.22
CA GLY B 197 7.54 23.17 -8.98
C GLY B 197 8.35 24.27 -9.63
N ARG B 198 9.13 23.92 -10.65
CA ARG B 198 9.88 24.92 -11.40
C ARG B 198 9.07 25.36 -12.61
N LYS B 199 9.13 26.66 -12.88
CA LYS B 199 8.50 27.24 -14.07
C LYS B 199 9.26 26.83 -15.35
N ALA B 200 10.50 27.23 -15.47
CA ALA B 200 11.32 27.04 -16.66
C ALA B 200 11.92 25.64 -16.68
N PRO B 201 11.95 25.00 -17.86
CA PRO B 201 12.51 23.66 -18.03
C PRO B 201 13.93 23.58 -17.50
N ILE B 202 14.19 22.57 -16.68
CA ILE B 202 15.49 22.42 -16.05
C ILE B 202 16.54 22.00 -17.08
N ARG B 203 17.65 22.71 -17.09
CA ARG B 203 18.73 22.46 -18.03
C ARG B 203 19.59 21.29 -17.60
N GLU B 204 20.08 20.55 -18.58
CA GLU B 204 20.96 19.43 -18.34
C GLU B 204 22.25 19.80 -17.60
N ASP B 205 22.67 21.06 -17.65
CA ASP B 205 23.91 21.44 -16.98
C ASP B 205 23.71 22.17 -15.64
N GLU B 206 22.46 22.35 -15.23
CA GLU B 206 22.20 22.96 -13.93
C GLU B 206 22.62 22.04 -12.79
N PRO B 207 23.33 22.58 -11.79
CA PRO B 207 23.75 21.74 -10.65
C PRO B 207 22.55 21.23 -9.85
N LEU B 208 22.75 20.13 -9.13
CA LEU B 208 21.72 19.59 -8.24
C LEU B 208 21.48 20.52 -7.06
N GLU B 209 20.22 20.66 -6.67
CA GLU B 209 19.87 21.39 -5.45
C GLU B 209 20.11 20.51 -4.22
N GLY B 210 19.70 21.02 -3.07
CA GLY B 210 19.86 20.31 -1.82
C GLY B 210 18.86 19.18 -1.67
N PRO B 211 19.11 18.28 -0.71
CA PRO B 211 18.32 17.06 -0.58
C PRO B 211 16.87 17.31 -0.15
N SER B 212 16.57 18.48 0.40
CA SER B 212 15.22 18.76 0.86
C SER B 212 14.29 19.09 -0.31
N SER B 213 14.88 19.27 -1.49
CA SER B 213 14.14 19.64 -2.71
C SER B 213 13.34 18.48 -3.29
N LEU B 214 13.42 17.31 -2.66
CA LEU B 214 12.82 16.11 -3.22
C LEU B 214 11.73 15.46 -2.37
N VAL B 215 10.79 14.83 -3.05
CA VAL B 215 9.72 14.10 -2.38
C VAL B 215 9.79 12.62 -2.70
N GLY B 216 9.78 11.79 -1.66
CA GLY B 216 9.65 10.34 -1.84
C GLY B 216 10.99 9.64 -1.75
N GLY B 217 10.98 8.42 -1.20
CA GLY B 217 12.19 7.64 -1.01
C GLY B 217 12.93 7.35 -2.30
N TYR B 218 12.21 7.12 -3.39
CA TYR B 218 12.89 6.79 -4.65
C TYR B 218 13.75 7.95 -5.14
N ALA B 219 13.12 9.11 -5.27
CA ALA B 219 13.81 10.32 -5.71
C ALA B 219 15.00 10.62 -4.81
N GLN B 220 14.79 10.50 -3.50
CA GLN B 220 15.88 10.70 -2.53
C GLN B 220 17.06 9.73 -2.71
N SER B 221 16.76 8.45 -2.92
CA SER B 221 17.83 7.47 -3.07
C SER B 221 18.61 7.74 -4.36
N LYS B 222 17.91 8.13 -5.42
CA LYS B 222 18.55 8.40 -6.71
C LYS B 222 19.36 9.70 -6.68
N TRP B 223 18.92 10.67 -5.89
CA TRP B 223 19.69 11.90 -5.68
C TRP B 223 21.04 11.59 -5.03
N VAL B 224 21.01 10.79 -3.98
CA VAL B 224 22.25 10.41 -3.28
C VAL B 224 23.15 9.63 -4.24
N ALA B 225 22.55 8.72 -5.01
CA ALA B 225 23.32 7.91 -5.98
C ALA B 225 24.05 8.80 -6.98
N GLU B 226 23.33 9.77 -7.54
CA GLU B 226 23.92 10.62 -8.57
C GLU B 226 25.01 11.50 -7.97
N LYS B 227 24.81 11.96 -6.73
CA LYS B 227 25.88 12.66 -5.99
C LYS B 227 27.16 11.84 -5.90
N LEU B 228 27.02 10.55 -5.59
CA LEU B 228 28.22 9.69 -5.48
C LEU B 228 28.93 9.61 -6.83
N VAL B 229 28.15 9.44 -7.89
CA VAL B 229 28.69 9.29 -9.23
C VAL B 229 29.39 10.57 -9.66
N ARG B 230 28.80 11.70 -9.28
CA ARG B 230 29.39 13.00 -9.65
C ARG B 230 30.70 13.21 -8.91
N GLU B 231 30.81 12.71 -7.68
CA GLU B 231 32.07 12.84 -6.96
C GLU B 231 33.15 11.94 -7.59
N ALA B 232 32.75 10.75 -8.02
CA ALA B 232 33.71 9.85 -8.67
C ALA B 232 34.21 10.48 -9.97
N SER B 233 33.30 11.16 -10.67
CA SER B 233 33.65 11.93 -11.86
C SER B 233 34.66 13.04 -11.51
N ARG B 234 34.39 13.76 -10.42
CA ARG B 234 35.28 14.85 -10.01
C ARG B 234 36.68 14.31 -9.70
N ARG B 235 36.73 13.09 -9.16
CA ARG B 235 38.01 12.46 -8.86
C ARG B 235 38.70 11.87 -10.09
N GLY B 236 38.04 11.93 -11.24
CA GLY B 236 38.68 11.50 -12.47
C GLY B 236 38.08 10.29 -13.18
N LEU B 237 37.11 9.62 -12.56
CA LEU B 237 36.42 8.53 -13.23
C LEU B 237 35.65 9.03 -14.43
N PRO B 238 35.86 8.39 -15.59
CA PRO B 238 35.09 8.77 -16.78
C PRO B 238 33.65 8.28 -16.66
N VAL B 239 32.69 9.21 -16.62
CA VAL B 239 31.29 8.84 -16.50
C VAL B 239 30.38 9.61 -17.45
N THR B 240 29.27 8.95 -17.80
CA THR B 240 28.16 9.61 -18.46
C THR B 240 26.96 9.51 -17.51
N ILE B 241 26.23 10.60 -17.33
CA ILE B 241 25.05 10.57 -16.48
C ILE B 241 23.81 10.73 -17.36
N LEU B 242 22.99 9.69 -17.39
CA LEU B 242 21.81 9.72 -18.25
C LEU B 242 20.57 9.74 -17.38
N ARG B 243 19.74 10.76 -17.56
CA ARG B 243 18.50 10.90 -16.79
C ARG B 243 17.26 10.70 -17.66
N PRO B 244 16.70 9.47 -17.67
CA PRO B 244 15.46 9.24 -18.42
C PRO B 244 14.27 9.94 -17.78
N GLY B 245 13.29 10.32 -18.59
CA GLY B 245 12.04 10.83 -18.06
C GLY B 245 11.09 9.69 -17.74
N ARG B 246 9.84 9.84 -18.16
CA ARG B 246 8.83 8.80 -18.01
C ARG B 246 8.95 7.80 -19.16
N VAL B 247 9.57 6.66 -18.87
CA VAL B 247 9.88 5.70 -19.91
C VAL B 247 8.66 4.85 -20.22
N THR B 248 8.17 4.94 -21.45
CA THR B 248 6.92 4.28 -21.84
C THR B 248 7.16 3.03 -22.70
N GLY B 249 6.14 2.62 -23.44
CA GLY B 249 6.27 1.41 -24.26
C GLY B 249 7.10 1.56 -25.51
N HIS B 250 7.52 0.43 -26.08
CA HIS B 250 8.28 0.46 -27.32
C HIS B 250 7.39 1.05 -28.42
N SER B 251 7.89 2.01 -29.18
CA SER B 251 7.03 2.79 -30.08
C SER B 251 6.49 2.02 -31.28
N ARG B 252 7.05 0.84 -31.53
CA ARG B 252 6.59 0.02 -32.66
C ARG B 252 5.89 -1.25 -32.20
N THR B 253 6.47 -1.96 -31.24
CA THR B 253 5.87 -3.20 -30.76
C THR B 253 4.83 -2.95 -29.68
N GLY B 254 4.92 -1.82 -29.00
CA GLY B 254 4.05 -1.56 -27.86
C GLY B 254 4.47 -2.30 -26.60
N ALA B 255 5.60 -2.98 -26.64
CA ALA B 255 6.09 -3.73 -25.49
C ALA B 255 6.22 -2.80 -24.28
N TRP B 256 5.67 -3.23 -23.14
CA TRP B 256 5.53 -2.38 -21.98
C TRP B 256 5.15 -3.24 -20.77
N ASN B 257 5.94 -3.24 -19.71
CA ASN B 257 5.52 -4.03 -18.54
C ASN B 257 4.28 -3.40 -17.90
N THR B 258 3.24 -4.21 -17.73
CA THR B 258 1.95 -3.67 -17.33
C THR B 258 1.90 -3.31 -15.84
N ASP B 259 2.93 -3.69 -15.07
CA ASP B 259 2.93 -3.30 -13.67
C ASP B 259 3.43 -1.86 -13.51
N ASP B 260 3.82 -1.25 -14.63
CA ASP B 260 4.20 0.16 -14.68
C ASP B 260 3.08 1.07 -14.15
N LEU B 261 3.44 2.09 -13.37
CA LEU B 261 2.44 2.98 -12.78
C LEU B 261 1.60 3.70 -13.84
N VAL B 262 2.23 4.01 -14.97
CA VAL B 262 1.50 4.66 -16.05
C VAL B 262 0.42 3.73 -16.63
N CYS B 263 0.75 2.47 -16.86
CA CYS B 263 -0.26 1.52 -17.33
C CYS B 263 -1.35 1.35 -16.30
N ARG B 264 -0.95 1.31 -15.03
CA ARG B 264 -1.92 1.22 -13.93
C ARG B 264 -2.93 2.36 -13.97
N THR B 265 -2.41 3.56 -14.14
CA THR B 265 -3.22 4.77 -14.14
C THR B 265 -4.17 4.83 -15.34
N LEU B 266 -3.65 4.53 -16.52
CA LEU B 266 -4.48 4.52 -17.72
C LEU B 266 -5.59 3.50 -17.60
N LYS B 267 -5.26 2.32 -17.08
CA LYS B 267 -6.27 1.28 -16.95
C LYS B 267 -7.33 1.72 -15.95
N GLY B 268 -6.90 2.34 -14.86
CA GLY B 268 -7.84 2.89 -13.87
C GLY B 268 -8.82 3.86 -14.50
N CYS B 269 -8.31 4.77 -15.35
CA CYS B 269 -9.18 5.74 -16.01
C CYS B 269 -10.15 5.07 -16.95
N VAL B 270 -9.67 4.09 -17.71
CA VAL B 270 -10.53 3.39 -18.64
C VAL B 270 -11.64 2.66 -17.90
N ARG B 271 -11.29 1.96 -16.83
CA ARG B 271 -12.28 1.18 -16.09
C ARG B 271 -13.32 2.09 -15.41
N MSE B 272 -12.87 3.23 -14.89
CA MSE B 272 -13.82 4.15 -14.29
C MSE B 272 -14.60 4.98 -15.30
O MSE B 272 -15.65 5.51 -14.96
CB MSE B 272 -13.12 5.09 -13.33
CG MSE B 272 -12.55 4.39 -12.12
SE MSE B 272 -11.92 5.73 -10.87
CE MSE B 272 -10.33 6.29 -11.78
N GLY B 273 -14.06 5.13 -16.50
CA GLY B 273 -14.72 5.95 -17.50
C GLY B 273 -14.49 7.43 -17.29
N VAL B 274 -13.50 7.77 -16.46
CA VAL B 274 -13.21 9.17 -16.20
C VAL B 274 -11.71 9.41 -16.04
N ALA B 275 -11.27 10.56 -16.51
CA ALA B 275 -9.87 10.93 -16.44
C ALA B 275 -9.73 12.36 -15.90
N PRO B 276 -8.57 12.67 -15.31
CA PRO B 276 -8.37 13.99 -14.71
C PRO B 276 -7.83 15.04 -15.68
N SER B 277 -8.32 16.27 -15.55
CA SER B 277 -7.59 17.37 -16.14
C SER B 277 -6.45 17.72 -15.20
N VAL B 278 -5.23 17.77 -15.72
CA VAL B 278 -4.07 18.21 -14.94
C VAL B 278 -3.36 19.30 -15.70
N ASP B 279 -2.70 20.19 -14.97
CA ASP B 279 -1.96 21.30 -15.56
C ASP B 279 -0.66 20.86 -16.21
N ALA B 280 -0.08 19.76 -15.71
CA ALA B 280 1.29 19.42 -16.03
C ALA B 280 1.51 19.09 -17.50
N LEU B 281 2.65 19.52 -18.02
CA LEU B 281 3.10 19.07 -19.33
C LEU B 281 3.50 17.61 -19.18
N LEU B 282 2.93 16.73 -20.00
CA LEU B 282 3.14 15.30 -19.83
C LEU B 282 4.29 14.80 -20.72
N ASP B 283 5.28 14.19 -20.08
CA ASP B 283 6.38 13.50 -20.74
C ASP B 283 6.03 12.02 -20.94
N LEU B 284 6.12 11.56 -22.18
CA LEU B 284 6.06 10.13 -22.47
C LEU B 284 7.22 9.82 -23.40
N THR B 285 8.17 9.03 -22.90
CA THR B 285 9.42 8.78 -23.64
C THR B 285 9.57 7.28 -23.95
N PRO B 286 9.27 6.88 -25.19
CA PRO B 286 9.33 5.45 -25.54
C PRO B 286 10.70 4.81 -25.24
N VAL B 287 10.67 3.59 -24.71
CA VAL B 287 11.88 2.91 -24.24
C VAL B 287 12.91 2.69 -25.36
N ASP B 288 12.45 2.59 -26.62
CA ASP B 288 13.40 2.37 -27.71
C ASP B 288 14.24 3.62 -27.95
N TYR B 289 13.64 4.79 -27.70
CA TYR B 289 14.43 6.01 -27.76
C TYR B 289 15.42 6.07 -26.60
N VAL B 290 14.97 5.78 -25.38
CA VAL B 290 15.86 5.84 -24.22
C VAL B 290 17.05 4.88 -24.40
N SER B 291 16.80 3.63 -24.81
CA SER B 291 17.90 2.67 -24.94
C SER B 291 18.90 3.07 -26.04
N SER B 292 18.38 3.51 -27.18
CA SER B 292 19.26 3.93 -28.29
C SER B 292 20.08 5.15 -27.91
N ALA B 293 19.45 6.10 -27.23
CA ALA B 293 20.16 7.30 -26.80
C ALA B 293 21.25 6.96 -25.78
N ILE B 294 20.94 6.11 -24.80
CA ILE B 294 21.97 5.71 -23.84
C ILE B 294 23.18 5.11 -24.54
N VAL B 295 22.93 4.18 -25.45
CA VAL B 295 24.02 3.52 -26.15
C VAL B 295 24.76 4.52 -27.05
N ASP B 296 24.02 5.31 -27.84
CA ASP B 296 24.66 6.34 -28.68
C ASP B 296 25.55 7.27 -27.87
N LEU B 297 24.97 7.85 -26.81
CA LEU B 297 25.72 8.79 -26.00
C LEU B 297 26.94 8.14 -25.33
N SER B 298 26.80 6.88 -24.91
CA SER B 298 27.90 6.19 -24.23
C SER B 298 29.10 5.96 -25.14
N MSE B 299 28.85 6.00 -26.44
CA MSE B 299 29.88 5.80 -27.42
C MSE B 299 30.56 7.06 -27.87
O MSE B 299 31.45 7.01 -28.69
CB MSE B 299 29.35 5.03 -28.60
CG MSE B 299 29.20 3.56 -28.20
SE MSE B 299 28.31 2.50 -29.55
CE MSE B 299 27.66 3.91 -30.68
N ARG B 300 30.17 8.20 -27.33
CA ARG B 300 30.80 9.46 -27.71
C ARG B 300 31.77 9.93 -26.64
N PRO B 301 33.06 10.08 -27.00
CA PRO B 301 34.00 10.59 -26.00
C PRO B 301 33.61 11.98 -25.50
N GLU B 302 32.86 12.74 -26.30
CA GLU B 302 32.38 14.05 -25.90
C GLU B 302 31.39 13.97 -24.72
N SER B 303 30.86 12.79 -24.49
CA SER B 303 29.81 12.59 -23.47
C SER B 303 30.37 12.46 -22.06
N ILE B 304 31.67 12.20 -21.96
CA ILE B 304 32.32 12.00 -20.66
C ILE B 304 32.20 13.24 -19.79
N GLY B 305 31.78 13.03 -18.54
CA GLY B 305 31.54 14.12 -17.60
C GLY B 305 30.24 14.87 -17.83
N GLN B 306 29.48 14.48 -18.86
CA GLN B 306 28.28 15.23 -19.23
C GLN B 306 27.00 14.56 -18.72
N THR B 307 25.94 15.36 -18.64
CA THR B 307 24.61 14.90 -18.23
C THR B 307 23.58 15.10 -19.35
N TYR B 308 22.72 14.10 -19.57
CA TYR B 308 21.75 14.17 -20.64
C TYR B 308 20.34 13.88 -20.13
N HIS B 309 19.39 14.67 -20.59
CA HIS B 309 17.99 14.43 -20.24
C HIS B 309 17.33 13.64 -21.34
N LEU B 310 17.08 12.36 -21.07
CA LEU B 310 16.45 11.50 -22.06
C LEU B 310 14.94 11.56 -21.89
N VAL B 311 14.38 12.68 -22.31
CA VAL B 311 12.95 12.95 -22.20
C VAL B 311 12.41 13.25 -23.58
N ASN B 312 11.10 13.21 -23.75
CA ASN B 312 10.52 13.57 -25.03
C ASN B 312 10.62 15.10 -25.17
N PRO B 313 11.24 15.56 -26.26
CA PRO B 313 11.32 17.01 -26.51
C PRO B 313 9.93 17.64 -26.68
N GLN B 314 8.96 16.83 -27.06
CA GLN B 314 7.59 17.29 -27.29
C GLN B 314 6.67 16.83 -26.16
N PHE B 315 6.14 17.77 -25.38
CA PHE B 315 5.18 17.41 -24.34
C PHE B 315 3.79 17.26 -24.94
N VAL B 316 2.91 16.60 -24.19
CA VAL B 316 1.52 16.43 -24.58
C VAL B 316 0.68 16.92 -23.41
N ARG B 317 -0.50 17.46 -23.69
CA ARG B 317 -1.41 17.87 -22.63
C ARG B 317 -2.37 16.73 -22.30
N ALA B 318 -2.87 16.72 -21.06
CA ALA B 318 -3.78 15.67 -20.63
C ALA B 318 -5.00 15.59 -21.55
N ASP B 319 -5.54 16.73 -21.95
CA ASP B 319 -6.75 16.70 -22.79
C ASP B 319 -6.45 16.05 -24.13
N GLU B 320 -5.21 16.21 -24.60
CA GLU B 320 -4.77 15.53 -25.83
C GLU B 320 -4.70 14.02 -25.60
N MSE B 321 -4.13 13.62 -24.47
CA MSE B 321 -4.10 12.19 -24.12
C MSE B 321 -5.48 11.57 -24.15
O MSE B 321 -5.69 10.50 -24.70
CB MSE B 321 -3.46 11.99 -22.74
CG MSE B 321 -1.97 11.98 -22.71
SE MSE B 321 -1.25 10.47 -23.69
CE MSE B 321 -2.30 9.03 -22.98
N TRP B 322 -6.46 12.25 -23.54
CA TRP B 322 -7.79 11.66 -23.48
C TRP B 322 -8.41 11.62 -24.88
N ASN B 323 -8.15 12.62 -25.71
CA ASN B 323 -8.60 12.57 -27.10
C ASN B 323 -8.07 11.32 -27.81
N TYR B 324 -6.77 11.04 -27.63
CA TYR B 324 -6.16 9.88 -28.28
C TYR B 324 -6.79 8.59 -27.79
N MSE B 325 -7.13 8.55 -26.50
CA MSE B 325 -7.68 7.32 -25.95
C MSE B 325 -9.15 7.12 -26.35
O MSE B 325 -9.58 5.98 -26.56
CB MSE B 325 -7.51 7.31 -24.43
CG MSE B 325 -6.04 7.20 -24.07
SE MSE B 325 -5.79 7.18 -22.15
CE MSE B 325 -6.52 5.39 -21.82
N ARG B 326 -9.88 8.21 -26.48
CA ARG B 326 -11.25 8.13 -27.01
C ARG B 326 -11.24 7.67 -28.46
N ALA B 327 -10.29 8.19 -29.23
CA ALA B 327 -10.17 7.81 -30.63
C ALA B 327 -9.93 6.31 -30.77
N PHE B 328 -9.16 5.73 -29.86
CA PHE B 328 -8.92 4.28 -29.87
C PHE B 328 -10.21 3.56 -29.52
N GLY B 329 -11.08 4.22 -28.75
CA GLY B 329 -12.40 3.66 -28.49
C GLY B 329 -12.85 3.64 -27.04
N TYR B 330 -12.07 4.22 -26.14
CA TYR B 330 -12.45 4.25 -24.72
C TYR B 330 -13.12 5.54 -24.30
N GLY B 331 -14.32 5.43 -23.73
CA GLY B 331 -14.99 6.59 -23.19
C GLY B 331 -14.30 7.16 -21.96
N LEU B 332 -14.16 8.49 -21.93
CA LEU B 332 -13.54 9.18 -20.80
C LEU B 332 -14.23 10.51 -20.54
N ARG B 333 -15.02 10.60 -19.48
CA ARG B 333 -15.43 11.89 -18.95
C ARG B 333 -14.20 12.57 -18.38
N VAL B 334 -14.20 13.89 -18.34
CA VAL B 334 -13.06 14.60 -17.72
C VAL B 334 -13.52 15.33 -16.46
N LEU B 335 -12.74 15.20 -15.40
CA LEU B 335 -12.99 15.87 -14.13
C LEU B 335 -11.74 16.60 -13.66
N PRO B 336 -11.93 17.72 -12.93
CA PRO B 336 -10.82 18.34 -12.22
C PRO B 336 -10.09 17.30 -11.38
N TYR B 337 -8.77 17.41 -11.24
CA TYR B 337 -8.00 16.36 -10.59
C TYR B 337 -8.54 15.98 -9.20
N ASP B 338 -8.90 16.97 -8.39
CA ASP B 338 -9.35 16.66 -7.03
C ASP B 338 -10.66 15.87 -7.06
N GLN B 339 -11.56 16.23 -7.97
CA GLN B 339 -12.78 15.49 -8.16
C GLN B 339 -12.52 14.09 -8.73
N TRP B 340 -11.53 13.97 -9.61
CA TRP B 340 -11.17 12.66 -10.14
C TRP B 340 -10.64 11.76 -9.03
N LEU B 341 -9.77 12.31 -8.20
CA LEU B 341 -9.16 11.58 -7.10
C LEU B 341 -10.22 11.10 -6.11
N SER B 342 -11.23 11.94 -5.92
CA SER B 342 -12.35 11.60 -5.05
C SER B 342 -13.14 10.42 -5.60
N GLU B 343 -13.35 10.42 -6.91
CA GLU B 343 -14.07 9.31 -7.54
C GLU B 343 -13.24 8.03 -7.45
N LEU B 344 -11.92 8.15 -7.59
CA LEU B 344 -11.03 7.01 -7.41
C LEU B 344 -11.15 6.46 -6.00
N GLY B 345 -11.18 7.37 -5.03
CA GLY B 345 -11.33 6.97 -3.63
C GLY B 345 -12.62 6.19 -3.41
N SER B 346 -13.71 6.67 -3.99
CA SER B 346 -15.00 6.00 -3.88
C SER B 346 -14.97 4.62 -4.53
N ALA B 347 -14.40 4.55 -5.72
CA ALA B 347 -14.35 3.31 -6.48
C ALA B 347 -13.49 2.27 -5.77
N ALA B 348 -12.50 2.75 -5.01
CA ALA B 348 -11.57 1.88 -4.29
C ALA B 348 -12.28 1.05 -3.23
N SER B 349 -13.47 1.49 -2.82
CA SER B 349 -14.23 0.79 -1.78
C SER B 349 -14.52 -0.67 -2.14
N SER B 350 -14.71 -0.93 -3.44
CA SER B 350 -15.11 -2.26 -3.89
C SER B 350 -14.15 -2.86 -4.90
N ASP B 351 -13.06 -2.16 -5.18
CA ASP B 351 -12.15 -2.56 -6.24
C ASP B 351 -10.72 -2.42 -5.76
N SER B 352 -10.10 -3.53 -5.39
CA SER B 352 -8.78 -3.49 -4.75
C SER B 352 -7.68 -3.00 -5.69
N GLU B 353 -7.86 -3.17 -6.99
CA GLU B 353 -6.87 -2.68 -7.95
C GLU B 353 -6.88 -1.15 -8.03
N LEU B 354 -8.07 -0.56 -8.02
CA LEU B 354 -8.19 0.89 -7.95
C LEU B 354 -7.67 1.42 -6.62
N GLY B 355 -7.86 0.63 -5.57
CA GLY B 355 -7.31 0.99 -4.27
C GLY B 355 -5.80 1.04 -4.34
N ASP B 356 -5.20 0.06 -5.01
CA ASP B 356 -3.74 0.00 -5.16
C ASP B 356 -3.22 1.24 -5.88
N LEU B 357 -3.94 1.67 -6.91
CA LEU B 357 -3.57 2.86 -7.64
C LEU B 357 -3.67 4.09 -6.76
N LEU B 358 -4.72 4.14 -5.95
CA LEU B 358 -4.98 5.27 -5.06
C LEU B 358 -3.81 5.51 -4.11
N MSE B 359 -3.19 4.43 -3.66
CA MSE B 359 -2.06 4.51 -2.73
C MSE B 359 -0.91 5.32 -3.31
O MSE B 359 -0.26 6.10 -2.61
CB MSE B 359 -1.57 3.11 -2.35
CG MSE B 359 -2.54 2.30 -1.51
SE MSE B 359 -3.19 3.22 0.08
CE MSE B 359 -4.87 3.96 -0.64
N PHE B 360 -0.66 5.16 -4.61
CA PHE B 360 0.38 5.90 -5.29
C PHE B 360 0.08 7.41 -5.35
N LEU B 361 -1.19 7.76 -5.49
CA LEU B 361 -1.56 9.14 -5.75
C LEU B 361 -1.86 9.97 -4.51
N GLN B 362 -2.01 9.32 -3.36
CA GLN B 362 -2.46 10.05 -2.17
C GLN B 362 -1.29 10.46 -1.26
N GLN B 363 -0.09 10.21 -1.77
CA GLN B 363 1.16 10.55 -1.12
C GLN B 363 1.47 12.02 -0.85
N VAL B 364 1.22 12.92 -1.80
CA VAL B 364 1.47 14.36 -1.68
C VAL B 364 0.25 15.21 -2.04
N SER B 370 -4.16 18.73 -5.69
CA SER B 370 -5.32 19.60 -5.74
C SER B 370 -5.84 19.79 -7.18
N VAL B 371 -6.47 20.94 -7.42
CA VAL B 371 -7.13 21.23 -8.70
C VAL B 371 -6.21 21.05 -9.92
N GLY B 372 -5.04 21.67 -9.89
CA GLY B 372 -4.10 21.56 -10.99
C GLY B 372 -3.51 20.17 -11.16
N GLY B 373 -3.64 19.34 -10.14
CA GLY B 373 -3.11 17.99 -10.20
C GLY B 373 -1.67 17.99 -9.76
N PRO B 374 -1.01 16.82 -9.82
CA PRO B 374 0.36 16.72 -9.30
C PRO B 374 1.34 17.51 -10.15
N ARG B 375 2.35 18.09 -9.50
CA ARG B 375 3.45 18.71 -10.21
C ARG B 375 4.33 17.64 -10.84
N MSE B 376 4.88 17.96 -12.00
CA MSE B 376 5.74 17.05 -12.72
C MSE B 376 6.92 17.84 -13.27
O MSE B 376 6.78 19.00 -13.64
CB MSE B 376 4.98 16.34 -13.84
CG MSE B 376 3.90 15.41 -13.34
SE MSE B 376 2.89 14.63 -14.80
CE MSE B 376 1.27 14.16 -13.81
N VAL B 377 8.09 17.21 -13.31
CA VAL B 377 9.28 17.93 -13.71
C VAL B 377 9.32 18.13 -15.22
N VAL B 378 9.68 19.33 -15.66
CA VAL B 378 9.85 19.61 -17.07
C VAL B 378 11.33 19.83 -17.35
N CYS B 379 11.86 19.12 -18.34
CA CYS B 379 13.28 19.16 -18.64
C CYS B 379 13.60 19.71 -20.02
N ASP B 380 14.68 20.47 -20.10
CA ASP B 380 15.27 20.80 -21.39
C ASP B 380 16.19 19.66 -21.84
N SER B 381 16.24 19.39 -23.14
CA SER B 381 17.10 18.32 -23.64
C SER B 381 17.97 18.79 -24.79
N GLY B 382 18.38 20.05 -24.74
CA GLY B 382 19.14 20.67 -25.82
C GLY B 382 20.46 19.97 -26.12
N ASP B 383 21.18 19.60 -25.07
CA ASP B 383 22.49 18.96 -25.23
C ASP B 383 22.34 17.57 -25.83
N THR B 384 21.25 16.88 -25.49
CA THR B 384 20.99 15.57 -26.06
C THR B 384 20.70 15.69 -27.56
N LEU B 385 19.84 16.64 -27.91
CA LEU B 385 19.44 16.80 -29.31
C LEU B 385 20.65 16.99 -30.21
N LYS B 386 21.56 17.84 -29.76
CA LYS B 386 22.78 18.15 -30.49
C LYS B 386 23.68 16.93 -30.63
N ALA B 387 23.92 16.25 -29.51
CA ALA B 387 24.82 15.11 -29.48
C ALA B 387 24.34 13.95 -30.37
N LEU B 388 23.04 13.93 -30.69
CA LEU B 388 22.45 12.84 -31.45
C LEU B 388 22.11 13.17 -32.92
N GLY B 389 22.50 14.35 -33.37
CA GLY B 389 22.02 14.86 -34.66
C GLY B 389 22.35 14.07 -35.92
N GLY B 390 23.53 13.47 -35.95
CA GLY B 390 23.95 12.69 -37.10
C GLY B 390 23.71 11.21 -36.87
N THR B 391 22.87 10.88 -35.90
CA THR B 391 22.67 9.48 -35.54
C THR B 391 21.40 8.86 -36.11
N GLY B 392 20.39 9.66 -36.37
CA GLY B 392 19.09 9.05 -36.64
C GLY B 392 18.41 8.46 -35.38
N THR B 393 18.91 8.84 -34.21
CA THR B 393 18.22 8.51 -32.96
C THR B 393 17.38 9.70 -32.57
N SER B 394 16.07 9.47 -32.50
CA SER B 394 15.10 10.53 -32.38
C SER B 394 13.90 10.03 -31.58
N CYS B 395 13.35 10.88 -30.73
CA CYS B 395 12.22 10.45 -29.90
C CYS B 395 10.90 10.48 -30.67
N PRO B 396 10.15 9.37 -30.65
CA PRO B 396 8.83 9.37 -31.29
C PRO B 396 7.90 10.42 -30.71
N SER B 397 7.02 10.97 -31.53
CA SER B 397 6.03 11.92 -31.05
C SER B 397 4.95 11.20 -30.26
N VAL B 398 4.36 11.87 -29.29
CA VAL B 398 3.14 11.36 -28.69
C VAL B 398 1.95 11.83 -29.55
N ASP B 399 1.30 10.89 -30.21
CA ASP B 399 0.11 11.22 -31.00
C ASP B 399 -0.86 10.04 -30.96
N ALA B 400 -1.98 10.14 -31.68
CA ALA B 400 -3.00 9.10 -31.60
C ALA B 400 -2.44 7.73 -32.00
N SER B 401 -1.56 7.76 -32.99
CA SER B 401 -0.90 6.54 -33.49
C SER B 401 -0.05 5.83 -32.42
N LEU B 402 0.77 6.59 -31.72
CA LEU B 402 1.58 6.00 -30.64
C LEU B 402 0.68 5.42 -29.56
N ILE B 403 -0.34 6.15 -29.18
CA ILE B 403 -1.24 5.66 -28.13
C ILE B 403 -1.98 4.42 -28.61
N SER B 404 -2.38 4.40 -29.88
CA SER B 404 -3.02 3.20 -30.43
C SER B 404 -2.10 1.98 -30.36
N THR B 405 -0.82 2.18 -30.70
CA THR B 405 0.15 1.10 -30.62
C THR B 405 0.23 0.56 -29.19
N TYR B 406 0.31 1.48 -28.23
CA TYR B 406 0.32 1.12 -26.81
C TYR B 406 -0.94 0.37 -26.40
N LEU B 407 -2.10 0.94 -26.70
CA LEU B 407 -3.34 0.33 -26.23
C LEU B 407 -3.60 -1.01 -26.92
N SER B 408 -3.25 -1.09 -28.20
CA SER B 408 -3.41 -2.33 -28.96
C SER B 408 -2.61 -3.48 -28.34
N SER B 409 -1.39 -3.18 -27.89
CA SER B 409 -0.59 -4.20 -27.22
C SER B 409 -1.19 -4.60 -25.88
N LEU B 410 -1.67 -3.63 -25.11
CA LEU B 410 -2.25 -3.93 -23.82
C LEU B 410 -3.52 -4.77 -23.95
N VAL B 411 -4.31 -4.50 -25.01
CA VAL B 411 -5.52 -5.30 -25.26
C VAL B 411 -5.10 -6.71 -25.67
N HIS B 412 -4.15 -6.78 -26.59
CA HIS B 412 -3.65 -8.06 -27.07
C HIS B 412 -3.17 -8.95 -25.93
N ARG B 413 -2.54 -8.35 -24.92
CA ARG B 413 -1.98 -9.09 -23.81
C ARG B 413 -2.95 -9.27 -22.64
N GLY B 414 -4.20 -8.87 -22.83
CA GLY B 414 -5.23 -9.13 -21.84
C GLY B 414 -5.27 -8.17 -20.67
N PHE B 415 -4.46 -7.14 -20.71
CA PHE B 415 -4.42 -6.13 -19.65
C PHE B 415 -5.62 -5.19 -19.71
N LEU B 416 -6.03 -4.84 -20.93
CA LEU B 416 -7.20 -4.01 -21.15
C LEU B 416 -8.26 -4.76 -21.96
N LYS B 417 -9.51 -4.57 -21.58
CA LYS B 417 -10.61 -5.07 -22.39
C LYS B 417 -10.66 -4.25 -23.67
N ALA B 418 -10.87 -4.93 -24.80
CA ALA B 418 -10.99 -4.25 -26.09
C ALA B 418 -12.16 -3.25 -26.09
N PRO B 419 -11.98 -2.08 -26.73
CA PRO B 419 -13.03 -1.07 -26.77
C PRO B 419 -14.32 -1.58 -27.43
N GLU B 420 -15.49 -1.21 -26.89
CA GLU B 420 -16.76 -1.68 -27.44
C GLU B 420 -16.89 -1.36 -28.92
C ACT C . -36.72 4.04 0.28
O ACT C . -36.17 4.08 -0.87
OXT ACT C . -37.66 3.23 0.56
CH3 ACT C . -36.27 5.00 1.36
C ACT D . 36.59 -4.92 -0.63
O ACT D . 37.35 -5.54 -1.45
OXT ACT D . 35.96 -5.52 0.30
CH3 ACT D . 36.42 -3.43 -0.76
#